data_1U1U
#
_entry.id   1U1U
#
_cell.length_a   123.169
_cell.length_b   123.169
_cell.length_c   132.902
_cell.angle_alpha   90.00
_cell.angle_beta   90.00
_cell.angle_gamma   120.00
#
_symmetry.space_group_name_H-M   'P 65'
#
loop_
_entity.id
_entity.type
_entity.pdbx_description
1 polymer '5-methyltetrahydropteroyltriglutamate--homocysteine methyltransferase'
2 non-polymer 'ZINC ION'
3 non-polymer 'SULFATE ION'
4 water water
#
_entity_poly.entity_id   1
_entity_poly.type   'polypeptide(L)'
_entity_poly.pdbx_seq_one_letter_code
;(MSE)ASHIVGYPR(MSE)GPKRELKFALESFWDGKSTAEDLQKVSADLRSSIWKQ(MSE)SAAGTKFIPSNTFAHYDQV
LDTTA(MSE)LGAVPPRYGYTGGEIGLDVYFS(MSE)ARGNASVPA(MSE)E(MSE)TKWFDTNYHYIVPELGPEVNFSY
ASHKAVNEYKEAKALGVDTVPVLVGPVSYLLLSKAAKGVDKSFELLSLLPKILPIYKEVITELKAAGATWIQLDEPVLV
(MSE)DLEGQKLQAFTGAYAELESTLSGLNVLVETYFADIPAEAYKTLTSLKGVTAFGFDLVRGTKTLDLVKAGFPEGKY
LFAGVVDGRNIWANDFAASLSTLQALEGIVGKDKLVVSTSCSLLHTAVDLINETKLDDEIKSW(MSE)AFAAQKVVEVNA
LAKALAGQKDEALFSANAAALASRRSSPRVTNEGVQKAAAALKGSDHRRATNVSARLDAQQKKLNLPILPTTTIGSFPQT
VELRRVRREYKAKKVSEEDYVKAIKEEIKKVVDLQEELDIDVLVHGEPERND(MSE)VEYFGEQLSGFAFTANGWVQSYG
SRCVKPPVIYGDVSRPKA(MSE)TVFWSA(MSE)AQS(MSE)TSRP(MSE)KG(MSE)LTGPVTILNWSFVRNDQPRHET
CYQIALAIKDEVEDLEKGGIGVIQIDEAALREGLPLRKSEHAFYLDWAVHSFRITNCGVQDSTQIHTH(MSE)CYSHFND
IIHSIID(MSE)DADVITIENSRSDEKLLSVFREGVKYGAGIGPGVYDIHSPRIPSSEEIADRVNK(MSE)LAVLEQNIL
WVNPDCGLKTRKYTEVKPALKN(MSE)VDAAKLIRSQLASAK
;
_entity_poly.pdbx_strand_id   A
#
loop_
_chem_comp.id
_chem_comp.type
_chem_comp.name
_chem_comp.formula
SO4 non-polymer 'SULFATE ION' 'O4 S -2'
ZN non-polymer 'ZINC ION' 'Zn 2'
#
# COMPACT_ATOMS: atom_id res chain seq x y z
N ALA A 2 -16.33 -27.83 2.35
CA ALA A 2 -15.16 -27.51 1.47
C ALA A 2 -15.00 -26.00 1.39
N SER A 3 -14.91 -25.35 2.55
CA SER A 3 -14.77 -23.91 2.59
C SER A 3 -13.43 -23.56 3.20
N HIS A 4 -12.66 -22.71 2.52
CA HIS A 4 -11.36 -22.31 3.02
C HIS A 4 -11.22 -20.81 3.04
N ILE A 5 -10.46 -20.32 4.03
CA ILE A 5 -10.19 -18.90 4.19
C ILE A 5 -8.68 -18.78 4.39
N VAL A 6 -7.99 -18.20 3.41
CA VAL A 6 -6.53 -18.10 3.47
C VAL A 6 -5.91 -17.30 4.63
N GLY A 7 -6.67 -16.37 5.20
CA GLY A 7 -6.14 -15.58 6.31
C GLY A 7 -7.22 -14.76 7.00
N TYR A 8 -6.83 -13.96 8.01
CA TYR A 8 -7.79 -13.14 8.74
C TYR A 8 -7.11 -11.99 9.51
N PRO A 9 -7.84 -10.87 9.76
CA PRO A 9 -7.35 -9.68 10.48
C PRO A 9 -6.95 -9.98 11.93
N ARG A 10 -5.93 -9.30 12.45
CA ARG A 10 -5.50 -9.56 13.83
C ARG A 10 -5.44 -8.39 14.79
N MSE A 11 -6.38 -7.46 14.71
CA MSE A 11 -6.35 -6.33 15.63
C MSE A 11 -7.67 -6.12 16.39
O MSE A 11 -7.70 -5.53 17.47
CB MSE A 11 -5.95 -5.07 14.89
CG MSE A 11 -4.92 -4.25 15.64
SE MSE A 11 -3.75 -3.37 14.40
CE MSE A 11 -2.25 -4.57 14.51
N GLY A 12 -8.76 -6.63 15.83
CA GLY A 12 -10.04 -6.52 16.50
C GLY A 12 -11.11 -5.84 15.72
N PRO A 13 -12.40 -6.07 16.04
CA PRO A 13 -13.51 -5.43 15.33
C PRO A 13 -13.61 -3.98 15.82
N LYS A 14 -12.65 -3.61 16.66
CA LYS A 14 -12.57 -2.27 17.22
C LYS A 14 -11.10 -1.89 17.49
N ARG A 15 -10.18 -2.58 16.79
CA ARG A 15 -8.74 -2.34 16.88
C ARG A 15 -8.11 -2.60 18.26
N GLU A 16 -8.57 -3.65 18.93
CA GLU A 16 -8.08 -4.01 20.25
C GLU A 16 -6.56 -4.12 20.34
N LEU A 17 -6.01 -5.08 19.62
CA LEU A 17 -4.56 -5.29 19.61
C LEU A 17 -3.78 -3.98 19.45
N LYS A 18 -4.33 -3.07 18.66
CA LYS A 18 -3.69 -1.78 18.43
C LYS A 18 -3.42 -1.05 19.75
N PHE A 19 -4.37 -1.17 20.66
CA PHE A 19 -4.28 -0.53 21.96
C PHE A 19 -3.60 -1.39 23.02
N ALA A 20 -3.97 -2.67 23.07
CA ALA A 20 -3.35 -3.56 24.04
C ALA A 20 -1.83 -3.54 23.78
N LEU A 21 -1.47 -3.10 22.57
CA LEU A 21 -0.08 -3.03 22.15
C LEU A 21 0.60 -1.80 22.71
N GLU A 22 -0.11 -0.67 22.63
CA GLU A 22 0.38 0.62 23.10
C GLU A 22 0.28 0.72 24.62
N SER A 23 -0.75 0.08 25.17
CA SER A 23 -0.87 0.06 26.61
C SER A 23 0.47 -0.57 26.94
N PHE A 24 0.62 -1.83 26.56
CA PHE A 24 1.85 -2.58 26.79
C PHE A 24 3.06 -1.73 26.43
N TRP A 25 3.30 -1.59 25.14
CA TRP A 25 4.42 -0.84 24.59
C TRP A 25 5.07 0.25 25.44
N ASP A 26 4.24 1.11 26.03
CA ASP A 26 4.75 2.24 26.81
C ASP A 26 4.95 1.99 28.30
N GLY A 27 4.64 0.79 28.76
CA GLY A 27 4.80 0.47 30.17
C GLY A 27 3.56 0.79 30.98
N LYS A 28 2.43 0.22 30.57
CA LYS A 28 1.18 0.44 31.28
C LYS A 28 0.30 -0.81 31.32
N SER A 29 0.93 -1.98 31.40
CA SER A 29 0.21 -3.25 31.46
C SER A 29 1.16 -4.45 31.48
N THR A 30 0.96 -5.38 32.42
CA THR A 30 1.82 -6.56 32.52
C THR A 30 1.76 -7.33 31.20
N ALA A 31 2.87 -7.97 30.84
CA ALA A 31 2.94 -8.75 29.61
C ALA A 31 1.83 -9.79 29.55
N GLU A 32 0.96 -9.79 30.56
CA GLU A 32 -0.13 -10.74 30.60
C GLU A 32 -1.43 -10.10 30.19
N ASP A 33 -1.49 -8.78 30.33
CA ASP A 33 -2.70 -8.06 29.94
C ASP A 33 -2.82 -8.42 28.47
N LEU A 34 -1.74 -8.17 27.72
CA LEU A 34 -1.70 -8.50 26.30
C LEU A 34 -2.29 -9.89 26.04
N GLN A 35 -1.56 -10.93 26.46
CA GLN A 35 -1.97 -12.32 26.28
C GLN A 35 -3.43 -12.60 26.66
N LYS A 36 -3.90 -11.91 27.69
CA LYS A 36 -5.28 -12.09 28.12
C LYS A 36 -6.10 -11.50 26.97
N VAL A 37 -5.52 -10.50 26.32
CA VAL A 37 -6.17 -9.84 25.19
C VAL A 37 -6.05 -10.71 23.96
N SER A 38 -4.84 -10.84 23.42
CA SER A 38 -4.59 -11.65 22.23
C SER A 38 -5.50 -12.87 22.19
N ALA A 39 -5.36 -13.69 23.22
CA ALA A 39 -6.13 -14.92 23.38
C ALA A 39 -7.61 -14.67 23.29
N ASP A 40 -8.07 -13.56 23.87
CA ASP A 40 -9.49 -13.22 23.82
C ASP A 40 -9.93 -12.89 22.40
N LEU A 41 -8.95 -12.69 21.52
CA LEU A 41 -9.28 -12.41 20.13
C LEU A 41 -9.27 -13.73 19.40
N ARG A 42 -8.12 -14.42 19.41
CA ARG A 42 -7.98 -15.72 18.74
C ARG A 42 -9.23 -16.54 18.96
N SER A 43 -9.58 -16.72 20.23
CA SER A 43 -10.75 -17.47 20.64
C SER A 43 -12.01 -17.11 19.85
N SER A 44 -12.19 -15.81 19.60
CA SER A 44 -13.35 -15.31 18.87
C SER A 44 -13.38 -15.61 17.39
N ILE A 45 -12.23 -15.47 16.75
CA ILE A 45 -12.09 -15.69 15.31
C ILE A 45 -12.27 -17.15 14.95
N TRP A 46 -11.57 -18.02 15.67
CA TRP A 46 -11.67 -19.47 15.45
C TRP A 46 -13.14 -19.82 15.63
N LYS A 47 -13.67 -19.42 16.77
CA LYS A 47 -15.06 -19.67 17.13
C LYS A 47 -16.05 -19.11 16.11
N GLN A 48 -15.85 -17.85 15.74
CA GLN A 48 -16.73 -17.19 14.78
C GLN A 48 -16.59 -17.74 13.37
N MSE A 49 -15.42 -18.30 13.05
CA MSE A 49 -15.19 -18.88 11.72
C MSE A 49 -15.81 -20.27 11.56
O MSE A 49 -16.44 -20.58 10.55
CB MSE A 49 -13.70 -18.98 11.41
CG MSE A 49 -13.07 -17.67 11.00
SE MSE A 49 -11.52 -17.98 9.91
CE MSE A 49 -10.15 -17.76 11.24
N SER A 50 -15.62 -21.10 12.58
CA SER A 50 -16.14 -22.46 12.61
C SER A 50 -17.66 -22.50 12.75
N ALA A 51 -18.21 -21.62 13.60
CA ALA A 51 -19.64 -21.57 13.82
C ALA A 51 -20.44 -21.33 12.52
N ALA A 52 -19.74 -20.88 11.49
CA ALA A 52 -20.37 -20.59 10.20
C ALA A 52 -20.34 -21.78 9.24
N GLY A 53 -19.53 -22.77 9.58
CA GLY A 53 -19.41 -23.93 8.72
C GLY A 53 -18.05 -23.90 8.06
N THR A 54 -17.20 -22.97 8.51
CA THR A 54 -15.87 -22.85 7.95
C THR A 54 -15.08 -24.14 8.15
N LYS A 55 -14.80 -24.79 7.02
CA LYS A 55 -14.05 -26.04 6.91
C LYS A 55 -12.62 -25.88 7.40
N PHE A 56 -11.82 -25.21 6.57
CA PHE A 56 -10.43 -24.96 6.88
C PHE A 56 -10.41 -23.62 7.59
N ILE A 57 -10.01 -23.63 8.85
CA ILE A 57 -9.97 -22.42 9.64
C ILE A 57 -8.51 -22.23 10.02
N PRO A 58 -7.85 -21.26 9.39
CA PRO A 58 -6.45 -20.97 9.64
C PRO A 58 -6.07 -20.64 11.05
N SER A 59 -4.97 -21.24 11.49
CA SER A 59 -4.40 -20.99 12.81
C SER A 59 -2.99 -20.52 12.48
N ASN A 60 -2.55 -19.51 13.21
CA ASN A 60 -1.24 -18.90 13.03
C ASN A 60 -1.29 -17.80 12.01
N THR A 61 -2.44 -17.14 11.91
CA THR A 61 -2.63 -16.02 11.02
C THR A 61 -2.58 -14.78 11.89
N PHE A 62 -2.52 -14.99 13.21
CA PHE A 62 -2.44 -13.91 14.19
C PHE A 62 -1.02 -13.35 14.08
N ALA A 63 -0.66 -12.48 15.01
CA ALA A 63 0.66 -11.86 15.04
C ALA A 63 0.61 -10.59 15.86
N HIS A 64 1.56 -10.44 16.78
CA HIS A 64 1.60 -9.24 17.59
C HIS A 64 2.07 -8.14 16.66
N TYR A 65 2.79 -8.53 15.61
CA TYR A 65 3.29 -7.57 14.65
C TYR A 65 3.22 -8.01 13.18
N ASP A 66 4.16 -8.83 12.72
CA ASP A 66 4.17 -9.26 11.32
C ASP A 66 4.42 -10.74 10.99
N GLN A 67 3.60 -11.27 10.08
CA GLN A 67 3.65 -12.65 9.62
C GLN A 67 5.06 -13.10 9.27
N VAL A 68 5.79 -12.20 8.60
CA VAL A 68 7.15 -12.44 8.15
C VAL A 68 8.12 -12.44 9.32
N LEU A 69 7.79 -11.69 10.38
CA LEU A 69 8.64 -11.64 11.57
C LEU A 69 8.37 -12.90 12.38
N ASP A 70 7.10 -13.28 12.45
CA ASP A 70 6.73 -14.48 13.19
C ASP A 70 7.59 -15.59 12.64
N THR A 71 7.82 -15.55 11.34
CA THR A 71 8.64 -16.55 10.66
C THR A 71 10.10 -16.40 11.07
N THR A 72 10.59 -15.17 11.03
CA THR A 72 11.97 -14.86 11.39
C THR A 72 12.28 -15.33 12.82
N ALA A 73 11.26 -15.35 13.66
CA ALA A 73 11.40 -15.76 15.04
C ALA A 73 11.36 -17.28 15.15
N MSE A 74 10.74 -17.92 14.17
CA MSE A 74 10.64 -19.37 14.15
C MSE A 74 12.03 -19.97 13.95
O MSE A 74 12.35 -21.00 14.51
CB MSE A 74 9.72 -19.79 13.01
CG MSE A 74 9.21 -21.20 13.08
SE MSE A 74 8.48 -21.69 11.35
CE MSE A 74 7.08 -20.36 11.23
N LEU A 75 12.85 -19.30 13.15
CA LEU A 75 14.21 -19.76 12.85
C LEU A 75 15.26 -19.02 13.68
N GLY A 76 14.82 -18.23 14.65
CA GLY A 76 15.77 -17.48 15.47
C GLY A 76 16.76 -16.59 14.72
N ALA A 77 16.34 -16.09 13.57
CA ALA A 77 17.19 -15.23 12.77
C ALA A 77 17.42 -13.87 13.41
N VAL A 78 16.76 -13.62 14.54
CA VAL A 78 16.89 -12.35 15.28
C VAL A 78 18.29 -11.73 15.09
N PRO A 79 18.35 -10.49 14.55
CA PRO A 79 19.59 -9.76 14.30
C PRO A 79 20.65 -9.82 15.41
N PRO A 80 21.80 -9.13 15.20
CA PRO A 80 22.92 -9.07 16.15
C PRO A 80 22.96 -7.82 17.04
N ARG A 81 22.37 -6.72 16.57
CA ARG A 81 22.34 -5.46 17.32
C ARG A 81 21.32 -5.48 18.47
N TYR A 82 20.55 -6.56 18.56
CA TYR A 82 19.56 -6.71 19.60
C TYR A 82 20.13 -7.54 20.73
N GLY A 83 21.19 -8.28 20.43
CA GLY A 83 21.84 -9.12 21.44
C GLY A 83 21.02 -10.35 21.84
N TYR A 84 20.96 -11.35 20.96
CA TYR A 84 20.21 -12.57 21.25
C TYR A 84 21.15 -13.71 21.57
N THR A 85 20.99 -14.30 22.75
CA THR A 85 21.82 -15.42 23.15
C THR A 85 21.16 -16.69 22.68
N GLY A 86 19.87 -16.82 22.95
CA GLY A 86 19.19 -18.02 22.53
C GLY A 86 17.95 -18.31 23.36
N GLY A 87 17.20 -19.31 22.93
CA GLY A 87 16.00 -19.70 23.65
C GLY A 87 14.67 -19.32 23.01
N GLU A 88 13.60 -19.69 23.69
CA GLU A 88 12.26 -19.41 23.23
C GLU A 88 12.03 -17.91 23.26
N ILE A 89 12.24 -17.28 22.11
CA ILE A 89 12.06 -15.84 21.96
C ILE A 89 10.72 -15.38 22.54
N GLY A 90 10.59 -14.08 22.81
CA GLY A 90 9.35 -13.54 23.36
C GLY A 90 9.39 -12.04 23.65
N LEU A 91 8.33 -11.35 23.23
CA LEU A 91 8.15 -9.91 23.43
C LEU A 91 9.39 -9.04 23.32
N ASP A 92 10.23 -9.07 24.35
CA ASP A 92 11.45 -8.28 24.38
C ASP A 92 12.24 -8.29 23.08
N VAL A 93 12.20 -9.42 22.38
CA VAL A 93 12.95 -9.57 21.15
C VAL A 93 12.10 -9.45 19.87
N TYR A 94 10.81 -9.76 19.97
CA TYR A 94 9.92 -9.66 18.80
C TYR A 94 9.70 -8.19 18.43
N PHE A 95 9.38 -7.39 19.44
CA PHE A 95 9.15 -5.97 19.23
C PHE A 95 10.44 -5.18 19.17
N SER A 96 11.46 -5.68 19.87
CA SER A 96 12.76 -5.03 19.83
C SER A 96 13.08 -4.87 18.34
N MSE A 97 13.11 -6.00 17.64
CA MSE A 97 13.38 -6.04 16.20
C MSE A 97 12.35 -5.22 15.44
O MSE A 97 12.68 -4.43 14.55
CB MSE A 97 13.32 -7.48 15.68
CG MSE A 97 14.33 -8.45 16.24
SE MSE A 97 14.07 -10.15 15.34
CE MSE A 97 12.40 -10.69 16.13
N ALA A 98 11.09 -5.42 15.80
CA ALA A 98 10.01 -4.73 15.15
C ALA A 98 9.93 -3.21 15.36
N ARG A 99 9.94 -2.75 16.61
CA ARG A 99 9.83 -1.31 16.88
C ARG A 99 11.12 -0.58 17.26
N GLY A 100 12.15 -1.34 17.62
CA GLY A 100 13.39 -0.70 17.99
C GLY A 100 13.31 -0.12 19.39
N ASN A 101 14.20 -0.59 20.25
CA ASN A 101 14.30 -0.16 21.63
C ASN A 101 15.26 1.03 21.76
N ALA A 102 15.31 1.65 22.93
CA ALA A 102 16.19 2.77 23.16
C ALA A 102 17.63 2.34 23.37
N SER A 103 18.45 2.55 22.36
CA SER A 103 19.87 2.19 22.33
C SER A 103 20.21 1.60 20.95
N VAL A 104 19.30 0.75 20.46
CA VAL A 104 19.44 0.09 19.17
C VAL A 104 18.11 0.13 18.42
N PRO A 105 18.15 0.48 17.12
CA PRO A 105 17.04 0.59 16.16
C PRO A 105 16.32 -0.68 15.69
N ALA A 106 15.09 -0.52 15.23
CA ALA A 106 14.30 -1.65 14.74
C ALA A 106 14.80 -2.16 13.39
N MSE A 107 13.93 -2.84 12.65
CA MSE A 107 14.30 -3.39 11.33
C MSE A 107 13.47 -2.75 10.24
O MSE A 107 12.29 -2.53 10.41
CB MSE A 107 14.07 -4.90 11.29
CG MSE A 107 14.83 -5.67 12.33
SE MSE A 107 14.94 -7.52 11.86
CE MSE A 107 13.18 -8.09 12.35
N GLU A 108 14.10 -2.45 9.11
CA GLU A 108 13.40 -1.80 8.02
C GLU A 108 12.18 -2.61 7.58
N MSE A 109 11.11 -1.91 7.21
CA MSE A 109 9.85 -2.53 6.76
C MSE A 109 9.55 -2.19 5.29
O MSE A 109 9.97 -1.15 4.79
CB MSE A 109 8.69 -2.07 7.62
CG MSE A 109 8.42 -0.57 7.56
SE MSE A 109 6.82 -0.04 8.53
CE MSE A 109 7.65 0.63 10.15
N THR A 110 8.81 -3.06 4.61
CA THR A 110 8.48 -2.82 3.20
C THR A 110 7.07 -3.31 2.90
N LYS A 111 6.65 -3.25 1.64
CA LYS A 111 5.31 -3.66 1.22
C LYS A 111 5.06 -5.14 1.00
N TRP A 112 3.86 -5.56 1.37
CA TRP A 112 3.48 -6.94 1.22
C TRP A 112 3.06 -7.20 -0.22
N PHE A 113 4.03 -7.06 -1.14
CA PHE A 113 3.81 -7.26 -2.57
C PHE A 113 3.29 -5.99 -3.15
N ASP A 114 2.00 -5.96 -3.49
CA ASP A 114 1.41 -4.73 -4.03
C ASP A 114 0.27 -4.21 -3.13
N THR A 115 0.14 -4.81 -1.94
CA THR A 115 -0.88 -4.39 -0.99
C THR A 115 -0.38 -3.20 -0.18
N ASN A 116 -1.28 -2.60 0.59
CA ASN A 116 -0.95 -1.43 1.39
C ASN A 116 -0.58 -1.80 2.81
N TYR A 117 -0.02 -2.99 2.96
CA TYR A 117 0.44 -3.49 4.25
C TYR A 117 1.96 -3.58 4.19
N HIS A 118 2.60 -3.55 5.34
CA HIS A 118 4.06 -3.60 5.38
C HIS A 118 4.60 -4.71 6.27
N TYR A 119 5.63 -5.40 5.78
CA TYR A 119 6.22 -6.48 6.54
C TYR A 119 7.66 -6.18 6.94
N ILE A 120 8.21 -7.00 7.84
CA ILE A 120 9.58 -6.86 8.32
C ILE A 120 10.52 -7.72 7.51
N VAL A 121 11.30 -7.05 6.66
CA VAL A 121 12.26 -7.71 5.77
C VAL A 121 13.36 -8.47 6.49
N PRO A 122 13.39 -9.80 6.32
CA PRO A 122 14.42 -10.61 6.97
C PRO A 122 15.80 -10.09 6.57
N GLU A 123 16.70 -10.00 7.53
CA GLU A 123 18.06 -9.53 7.27
C GLU A 123 18.97 -10.75 7.37
N LEU A 124 19.19 -11.43 6.25
CA LEU A 124 19.99 -12.65 6.22
C LEU A 124 21.41 -12.52 5.65
N GLY A 125 22.09 -13.66 5.58
CA GLY A 125 23.46 -13.71 5.07
C GLY A 125 24.18 -15.02 5.42
N PRO A 126 25.49 -15.13 5.10
CA PRO A 126 26.30 -16.32 5.38
C PRO A 126 26.77 -16.55 6.83
N GLU A 127 26.41 -15.66 7.75
CA GLU A 127 26.86 -15.81 9.13
C GLU A 127 25.76 -16.01 10.18
N VAL A 128 24.50 -16.00 9.76
CA VAL A 128 23.40 -16.18 10.72
C VAL A 128 23.17 -17.65 11.08
N ASN A 129 23.00 -17.89 12.38
CA ASN A 129 22.80 -19.23 12.89
C ASN A 129 21.34 -19.43 13.24
N PHE A 130 20.61 -20.10 12.36
CA PHE A 130 19.20 -20.34 12.57
C PHE A 130 18.93 -21.28 13.74
N SER A 131 17.78 -21.08 14.38
CA SER A 131 17.38 -21.91 15.51
C SER A 131 15.87 -21.96 15.68
N TYR A 132 15.36 -23.15 15.98
CA TYR A 132 13.93 -23.33 16.22
C TYR A 132 13.65 -22.63 17.55
N ALA A 133 13.35 -21.33 17.51
CA ALA A 133 13.11 -20.56 18.72
C ALA A 133 11.79 -19.78 18.83
N SER A 134 10.70 -20.33 18.30
CA SER A 134 9.39 -19.67 18.36
C SER A 134 8.25 -20.62 17.98
N HIS A 135 7.75 -21.35 18.98
CA HIS A 135 6.67 -22.33 18.79
C HIS A 135 5.26 -21.76 18.61
N LYS A 136 5.17 -20.53 18.13
CA LYS A 136 3.87 -19.88 17.91
C LYS A 136 2.95 -20.78 17.08
N ALA A 137 3.48 -21.18 15.92
CA ALA A 137 2.75 -22.03 15.02
C ALA A 137 2.06 -23.09 15.85
N VAL A 138 2.84 -24.11 16.23
CA VAL A 138 2.37 -25.26 17.02
C VAL A 138 1.49 -24.97 18.24
N ASN A 139 1.81 -23.91 19.00
CA ASN A 139 1.03 -23.52 20.18
C ASN A 139 -0.41 -23.12 19.84
N GLU A 140 -0.59 -22.13 18.96
CA GLU A 140 -1.92 -21.70 18.58
C GLU A 140 -2.78 -22.82 18.04
N TYR A 141 -2.14 -23.88 17.54
CA TYR A 141 -2.89 -25.00 17.03
C TYR A 141 -3.56 -25.70 18.20
N LYS A 142 -2.75 -26.07 19.20
CA LYS A 142 -3.19 -26.75 20.42
C LYS A 142 -4.23 -25.92 21.19
N GLU A 143 -4.09 -24.59 21.07
CA GLU A 143 -4.99 -23.65 21.70
C GLU A 143 -6.36 -23.90 21.07
N ALA A 144 -6.54 -23.40 19.85
CA ALA A 144 -7.79 -23.58 19.12
C ALA A 144 -8.31 -24.97 19.30
N LYS A 145 -7.43 -25.95 19.24
CA LYS A 145 -7.83 -27.35 19.38
C LYS A 145 -8.41 -27.61 20.76
N ALA A 146 -7.75 -27.06 21.77
CA ALA A 146 -8.20 -27.22 23.14
C ALA A 146 -9.52 -26.47 23.30
N LEU A 147 -9.98 -25.86 22.22
CA LEU A 147 -11.23 -25.09 22.22
C LEU A 147 -12.32 -25.76 21.37
N GLY A 148 -12.13 -27.02 21.02
CA GLY A 148 -13.12 -27.74 20.23
C GLY A 148 -12.95 -27.69 18.72
N VAL A 149 -12.22 -26.71 18.22
CA VAL A 149 -12.02 -26.63 16.79
C VAL A 149 -10.60 -27.05 16.39
N ASP A 150 -10.52 -27.80 15.30
CA ASP A 150 -9.27 -28.29 14.74
C ASP A 150 -8.98 -27.25 13.65
N THR A 151 -7.76 -26.71 13.63
CA THR A 151 -7.40 -25.71 12.63
C THR A 151 -6.29 -26.13 11.66
N VAL A 152 -6.00 -25.24 10.71
CA VAL A 152 -4.97 -25.43 9.69
C VAL A 152 -3.81 -24.47 9.91
N PRO A 153 -2.62 -25.01 10.20
CA PRO A 153 -1.40 -24.23 10.44
C PRO A 153 -0.80 -23.47 9.25
N VAL A 154 -1.32 -22.28 8.98
CA VAL A 154 -0.80 -21.48 7.88
C VAL A 154 0.65 -21.19 8.16
N LEU A 155 1.50 -21.23 7.14
CA LEU A 155 2.92 -20.91 7.34
C LEU A 155 3.58 -20.32 6.10
N VAL A 156 4.64 -19.55 6.30
CA VAL A 156 5.35 -18.96 5.17
C VAL A 156 6.29 -19.97 4.49
N GLY A 157 6.21 -20.03 3.16
CA GLY A 157 7.03 -20.96 2.39
C GLY A 157 8.54 -20.81 2.52
N PRO A 158 9.26 -21.93 2.70
CA PRO A 158 10.71 -21.77 2.83
C PRO A 158 11.25 -20.82 1.80
N VAL A 159 11.46 -21.32 0.59
CA VAL A 159 11.99 -20.46 -0.45
C VAL A 159 11.38 -19.07 -0.45
N SER A 160 10.06 -18.94 -0.62
CA SER A 160 9.45 -17.61 -0.64
C SER A 160 9.97 -16.73 0.48
N TYR A 161 10.16 -17.33 1.65
CA TYR A 161 10.68 -16.57 2.78
C TYR A 161 11.99 -15.92 2.37
N LEU A 162 12.95 -16.70 1.89
CA LEU A 162 14.23 -16.15 1.48
C LEU A 162 14.09 -15.14 0.35
N LEU A 163 13.37 -15.48 -0.71
CA LEU A 163 13.17 -14.57 -1.83
C LEU A 163 12.80 -13.20 -1.32
N LEU A 164 11.84 -13.18 -0.39
CA LEU A 164 11.35 -11.94 0.24
C LEU A 164 12.33 -11.41 1.26
N SER A 165 13.31 -12.23 1.62
CA SER A 165 14.34 -11.87 2.58
C SER A 165 15.36 -10.97 1.92
N LYS A 166 16.21 -10.35 2.73
CA LYS A 166 17.26 -9.47 2.23
C LYS A 166 18.51 -9.66 3.07
N ALA A 167 19.65 -9.77 2.40
CA ALA A 167 20.92 -9.96 3.07
C ALA A 167 21.51 -8.63 3.55
N ALA A 168 21.51 -8.44 4.87
CA ALA A 168 22.02 -7.22 5.49
C ALA A 168 23.53 -7.01 5.36
N LYS A 169 23.95 -5.77 5.61
CA LYS A 169 25.33 -5.32 5.52
C LYS A 169 26.45 -6.36 5.65
N GLY A 170 27.59 -6.08 5.03
CA GLY A 170 28.72 -7.00 5.08
C GLY A 170 28.75 -7.94 3.89
N VAL A 171 28.02 -9.05 4.02
CA VAL A 171 27.90 -10.08 2.98
C VAL A 171 28.32 -9.61 1.59
N ASP A 172 29.34 -10.26 1.04
CA ASP A 172 29.81 -9.90 -0.28
C ASP A 172 28.61 -9.89 -1.22
N LYS A 173 28.66 -9.02 -2.22
CA LYS A 173 27.59 -8.90 -3.20
C LYS A 173 27.27 -10.23 -3.89
N SER A 174 28.33 -10.97 -4.21
CA SER A 174 28.23 -12.26 -4.89
C SER A 174 27.60 -13.38 -4.06
N PHE A 175 26.79 -13.01 -3.08
CA PHE A 175 26.15 -13.99 -2.23
C PHE A 175 24.81 -14.46 -2.78
N GLU A 176 24.53 -15.74 -2.56
CA GLU A 176 23.30 -16.37 -3.00
C GLU A 176 22.28 -16.43 -1.87
N LEU A 177 21.49 -15.37 -1.75
CA LEU A 177 20.45 -15.25 -0.72
C LEU A 177 19.56 -16.47 -0.62
N LEU A 178 19.76 -17.42 -1.52
CA LEU A 178 18.93 -18.62 -1.56
C LEU A 178 19.75 -19.86 -1.26
N SER A 179 20.93 -19.63 -0.71
CA SER A 179 21.85 -20.72 -0.35
C SER A 179 21.53 -21.22 1.05
N LEU A 180 20.72 -20.46 1.76
CA LEU A 180 20.34 -20.78 3.11
C LEU A 180 19.27 -21.86 3.13
N LEU A 181 18.75 -22.23 1.96
CA LEU A 181 17.68 -23.22 1.88
C LEU A 181 17.80 -24.46 2.74
N PRO A 182 18.98 -25.11 2.72
CA PRO A 182 19.16 -26.32 3.53
C PRO A 182 19.45 -26.04 5.01
N LYS A 183 19.82 -24.80 5.30
CA LYS A 183 20.14 -24.42 6.66
C LYS A 183 18.86 -24.08 7.42
N ILE A 184 17.87 -23.63 6.68
CA ILE A 184 16.59 -23.26 7.27
C ILE A 184 15.57 -24.36 7.11
N LEU A 185 15.77 -25.23 6.11
CA LEU A 185 14.86 -26.35 5.83
C LEU A 185 14.65 -27.37 6.97
N PRO A 186 15.63 -27.53 7.87
CA PRO A 186 15.42 -28.49 8.94
C PRO A 186 14.59 -27.86 10.05
N ILE A 187 14.88 -26.60 10.38
CA ILE A 187 14.12 -25.92 11.42
C ILE A 187 12.65 -25.93 11.01
N TYR A 188 12.42 -26.16 9.73
CA TYR A 188 11.07 -26.23 9.15
C TYR A 188 10.51 -27.59 9.50
N LYS A 189 11.36 -28.60 9.43
CA LYS A 189 11.02 -29.99 9.73
C LYS A 189 10.58 -30.09 11.17
N GLU A 190 11.52 -29.80 12.06
CA GLU A 190 11.26 -29.84 13.49
C GLU A 190 9.83 -29.37 13.76
N VAL A 191 9.43 -28.28 13.10
CA VAL A 191 8.08 -27.74 13.30
C VAL A 191 7.10 -28.79 12.82
N ILE A 192 7.03 -28.96 11.52
CA ILE A 192 6.14 -29.93 10.90
C ILE A 192 5.78 -31.14 11.76
N THR A 193 6.82 -31.89 12.11
CA THR A 193 6.66 -33.09 12.91
C THR A 193 6.07 -32.82 14.30
N GLU A 194 6.44 -31.71 14.92
CA GLU A 194 5.86 -31.40 16.23
C GLU A 194 4.34 -31.23 16.06
N LEU A 195 3.93 -30.56 15.00
CA LEU A 195 2.51 -30.37 14.78
C LEU A 195 1.91 -31.64 14.23
N LYS A 196 2.65 -32.34 13.38
CA LYS A 196 2.16 -33.58 12.82
C LYS A 196 1.72 -34.37 14.04
N ALA A 197 2.66 -34.47 14.98
CA ALA A 197 2.43 -35.19 16.22
C ALA A 197 1.54 -34.41 17.18
N ALA A 198 1.05 -33.25 16.75
CA ALA A 198 0.20 -32.42 17.62
C ALA A 198 -1.24 -32.83 17.45
N GLY A 199 -1.57 -33.26 16.23
CA GLY A 199 -2.92 -33.70 15.93
C GLY A 199 -3.36 -33.12 14.60
N ALA A 200 -2.48 -32.36 13.97
CA ALA A 200 -2.76 -31.72 12.67
C ALA A 200 -2.99 -32.74 11.55
N THR A 201 -3.99 -32.46 10.71
CA THR A 201 -4.35 -33.34 9.59
C THR A 201 -4.05 -32.68 8.22
N TRP A 202 -3.99 -31.35 8.20
CA TRP A 202 -3.67 -30.60 7.01
C TRP A 202 -2.73 -29.49 7.48
N ILE A 203 -2.08 -28.82 6.54
CA ILE A 203 -1.18 -27.73 6.85
C ILE A 203 -1.14 -26.78 5.64
N GLN A 204 -0.79 -25.51 5.86
CA GLN A 204 -0.77 -24.55 4.76
C GLN A 204 0.55 -23.84 4.53
N LEU A 205 0.95 -23.77 3.27
CA LEU A 205 2.19 -23.07 2.92
C LEU A 205 2.00 -22.01 1.86
N ASP A 206 2.12 -20.75 2.30
CA ASP A 206 1.97 -19.60 1.43
C ASP A 206 3.28 -19.38 0.70
N GLU A 207 3.20 -19.35 -0.63
CA GLU A 207 4.36 -19.13 -1.49
C GLU A 207 3.91 -18.19 -2.63
N PRO A 208 3.45 -16.97 -2.28
CA PRO A 208 2.98 -15.98 -3.25
C PRO A 208 3.95 -15.58 -4.36
N VAL A 209 5.25 -15.57 -4.07
CA VAL A 209 6.31 -15.19 -5.02
C VAL A 209 6.23 -15.98 -6.33
N LEU A 210 5.62 -17.16 -6.28
CA LEU A 210 5.46 -17.99 -7.47
C LEU A 210 4.64 -17.23 -8.51
N VAL A 211 3.91 -16.22 -8.04
CA VAL A 211 3.08 -15.42 -8.92
C VAL A 211 3.88 -14.21 -9.45
N MSE A 212 5.19 -14.21 -9.17
CA MSE A 212 6.07 -13.15 -9.64
C MSE A 212 6.76 -13.72 -10.89
O MSE A 212 6.26 -14.66 -11.49
CB MSE A 212 7.12 -12.81 -8.58
CG MSE A 212 6.59 -12.25 -7.28
SE MSE A 212 5.93 -10.44 -7.38
CE MSE A 212 4.09 -10.88 -7.60
N ASP A 213 7.89 -13.16 -11.27
CA ASP A 213 8.61 -13.65 -12.45
C ASP A 213 9.92 -14.30 -12.11
N LEU A 214 9.88 -15.57 -11.75
CA LEU A 214 11.12 -16.26 -11.42
C LEU A 214 11.71 -16.79 -12.72
N GLU A 215 13.01 -16.60 -12.92
CA GLU A 215 13.63 -17.13 -14.12
C GLU A 215 13.75 -18.62 -13.84
N GLY A 216 14.04 -19.40 -14.86
CA GLY A 216 14.15 -20.84 -14.70
C GLY A 216 15.00 -21.33 -13.54
N GLN A 217 16.03 -20.55 -13.21
CA GLN A 217 16.93 -20.92 -12.13
C GLN A 217 16.24 -20.79 -10.78
N LYS A 218 15.68 -19.62 -10.49
CA LYS A 218 15.00 -19.40 -9.22
C LYS A 218 13.83 -20.36 -9.00
N LEU A 219 12.98 -20.54 -10.01
CA LEU A 219 11.83 -21.45 -9.87
C LEU A 219 12.29 -22.70 -9.15
N GLN A 220 13.23 -23.39 -9.80
CA GLN A 220 13.82 -24.62 -9.27
C GLN A 220 13.87 -24.64 -7.75
N ALA A 221 14.50 -23.62 -7.18
CA ALA A 221 14.63 -23.47 -5.72
C ALA A 221 13.46 -24.12 -5.03
N PHE A 222 12.28 -23.92 -5.61
CA PHE A 222 11.05 -24.47 -5.07
C PHE A 222 11.11 -25.97 -4.96
N THR A 223 11.42 -26.61 -6.09
CA THR A 223 11.55 -28.07 -6.19
C THR A 223 12.59 -28.65 -5.21
N GLY A 224 13.85 -28.22 -5.37
CA GLY A 224 14.91 -28.69 -4.51
C GLY A 224 14.57 -28.57 -3.04
N ALA A 225 13.49 -27.86 -2.71
CA ALA A 225 13.08 -27.72 -1.31
C ALA A 225 11.85 -28.55 -0.97
N TYR A 226 11.04 -28.90 -1.97
CA TYR A 226 9.85 -29.70 -1.70
C TYR A 226 10.17 -31.16 -1.87
N ALA A 227 11.31 -31.44 -2.43
CA ALA A 227 11.69 -32.83 -2.57
C ALA A 227 12.47 -33.16 -1.29
N GLU A 228 12.69 -32.16 -0.46
CA GLU A 228 13.39 -32.38 0.80
C GLU A 228 12.38 -32.55 1.93
N LEU A 229 11.13 -32.17 1.67
CA LEU A 229 10.08 -32.26 2.69
C LEU A 229 9.18 -33.48 2.56
N GLU A 230 8.99 -33.93 1.32
CA GLU A 230 8.13 -35.07 1.01
C GLU A 230 8.16 -36.13 2.09
N SER A 231 9.34 -36.37 2.62
CA SER A 231 9.53 -37.35 3.67
C SER A 231 8.75 -36.91 4.91
N THR A 232 8.96 -35.65 5.32
CA THR A 232 8.29 -35.12 6.49
C THR A 232 6.75 -35.03 6.34
N LEU A 233 6.30 -34.68 5.14
CA LEU A 233 4.86 -34.56 4.85
C LEU A 233 4.17 -35.87 4.54
N SER A 234 4.68 -36.97 5.08
CA SER A 234 4.11 -38.29 4.87
C SER A 234 2.66 -38.39 5.35
N GLY A 235 1.77 -38.80 4.44
CA GLY A 235 0.36 -38.93 4.78
C GLY A 235 -0.20 -37.72 5.49
N LEU A 236 -0.01 -36.56 4.86
CA LEU A 236 -0.46 -35.29 5.41
C LEU A 236 -0.61 -34.33 4.25
N ASN A 237 -1.84 -33.91 3.96
CA ASN A 237 -2.09 -32.99 2.86
C ASN A 237 -1.46 -31.63 3.07
N VAL A 238 -0.88 -31.08 2.00
CA VAL A 238 -0.24 -29.77 2.05
C VAL A 238 -0.95 -28.87 1.06
N LEU A 239 -1.19 -27.64 1.46
CA LEU A 239 -1.88 -26.70 0.59
C LEU A 239 -0.97 -25.51 0.39
N VAL A 240 -0.34 -25.43 -0.78
CA VAL A 240 0.55 -24.31 -1.08
C VAL A 240 -0.31 -23.16 -1.64
N GLU A 241 -0.21 -22.00 -0.99
CA GLU A 241 -0.98 -20.84 -1.40
C GLU A 241 -0.20 -19.89 -2.30
N THR A 242 -0.97 -19.15 -3.08
CA THR A 242 -0.47 -18.15 -4.01
C THR A 242 -1.58 -17.10 -4.11
N TYR A 243 -1.23 -15.84 -4.37
CA TYR A 243 -2.21 -14.77 -4.50
C TYR A 243 -1.68 -13.42 -5.00
N PHE A 244 -2.59 -12.57 -5.47
CA PHE A 244 -2.32 -11.22 -5.99
C PHE A 244 -1.93 -11.23 -7.46
N ALA A 245 -2.14 -12.34 -8.15
CA ALA A 245 -1.77 -12.42 -9.57
C ALA A 245 -2.02 -13.78 -10.22
N ASP A 246 -1.70 -13.88 -11.51
CA ASP A 246 -1.87 -15.12 -12.27
C ASP A 246 -0.48 -15.71 -12.41
N ILE A 247 -0.37 -17.03 -12.21
CA ILE A 247 0.91 -17.73 -12.28
C ILE A 247 1.32 -18.14 -13.69
N PRO A 248 2.48 -17.66 -14.16
CA PRO A 248 3.04 -17.94 -15.50
C PRO A 248 3.24 -19.43 -15.79
N ALA A 249 2.92 -19.86 -17.02
CA ALA A 249 3.03 -21.25 -17.46
C ALA A 249 4.11 -22.00 -16.72
N GLU A 250 5.34 -21.49 -16.77
CA GLU A 250 6.44 -22.14 -16.07
C GLU A 250 6.12 -22.31 -14.61
N ALA A 251 6.02 -21.19 -13.89
CA ALA A 251 5.71 -21.22 -12.47
C ALA A 251 4.52 -22.13 -12.16
N TYR A 252 3.51 -22.13 -13.04
CA TYR A 252 2.33 -22.97 -12.86
C TYR A 252 2.73 -24.44 -12.92
N LYS A 253 3.60 -24.76 -13.88
CA LYS A 253 4.09 -26.12 -14.07
C LYS A 253 4.83 -26.55 -12.81
N THR A 254 6.02 -26.01 -12.60
CA THR A 254 6.84 -26.29 -11.42
C THR A 254 6.02 -26.56 -10.16
N LEU A 255 5.00 -25.75 -9.96
CA LEU A 255 4.13 -25.84 -8.80
C LEU A 255 3.27 -27.10 -8.78
N THR A 256 2.38 -27.21 -9.77
CA THR A 256 1.45 -28.32 -9.88
C THR A 256 2.14 -29.66 -9.99
N SER A 257 3.46 -29.63 -9.91
CA SER A 257 4.26 -30.84 -10.00
C SER A 257 5.04 -31.08 -8.72
N LEU A 258 5.07 -30.05 -7.87
CA LEU A 258 5.78 -30.11 -6.60
C LEU A 258 5.50 -31.36 -5.78
N LYS A 259 6.56 -31.92 -5.20
CA LYS A 259 6.48 -33.12 -4.37
C LYS A 259 5.90 -32.84 -3.00
N GLY A 260 4.99 -33.71 -2.57
CA GLY A 260 4.39 -33.56 -1.27
C GLY A 260 3.11 -32.77 -1.29
N VAL A 261 2.95 -31.85 -2.23
CA VAL A 261 1.74 -31.04 -2.27
C VAL A 261 0.54 -31.78 -2.84
N THR A 262 -0.55 -31.80 -2.06
CA THR A 262 -1.79 -32.48 -2.46
C THR A 262 -2.92 -31.52 -2.77
N ALA A 263 -2.64 -30.22 -2.71
CA ALA A 263 -3.65 -29.21 -2.98
C ALA A 263 -3.01 -27.83 -3.21
N PHE A 264 -3.59 -27.07 -4.13
CA PHE A 264 -3.08 -25.75 -4.51
C PHE A 264 -4.18 -24.66 -4.51
N GLY A 265 -3.82 -23.42 -4.15
CA GLY A 265 -4.81 -22.34 -4.14
C GLY A 265 -4.41 -21.09 -4.94
N PHE A 266 -5.24 -20.68 -5.90
CA PHE A 266 -4.93 -19.51 -6.72
C PHE A 266 -5.88 -18.34 -6.52
N ASP A 267 -5.33 -17.12 -6.49
CA ASP A 267 -6.12 -15.91 -6.36
C ASP A 267 -6.81 -15.72 -7.71
N LEU A 268 -7.96 -16.37 -7.89
CA LEU A 268 -8.69 -16.29 -9.15
C LEU A 268 -9.49 -15.03 -9.32
N VAL A 269 -9.19 -14.05 -8.49
CA VAL A 269 -9.86 -12.77 -8.59
C VAL A 269 -8.92 -11.88 -9.42
N ARG A 270 -7.62 -11.95 -9.14
CA ARG A 270 -6.63 -11.16 -9.85
C ARG A 270 -5.81 -12.02 -10.83
N GLY A 271 -6.01 -13.33 -10.78
CA GLY A 271 -5.31 -14.23 -11.66
C GLY A 271 -6.26 -15.21 -12.32
N THR A 272 -7.14 -14.70 -13.18
CA THR A 272 -8.13 -15.54 -13.88
C THR A 272 -7.59 -16.09 -15.18
N LYS A 273 -6.28 -15.99 -15.36
CA LYS A 273 -5.62 -16.48 -16.56
C LYS A 273 -5.08 -17.82 -16.18
N THR A 274 -4.85 -17.97 -14.89
CA THR A 274 -4.31 -19.19 -14.38
C THR A 274 -5.28 -20.32 -14.74
N LEU A 275 -6.56 -19.99 -14.87
CA LEU A 275 -7.54 -21.02 -15.19
C LEU A 275 -7.19 -21.75 -16.47
N ASP A 276 -6.83 -20.98 -17.50
CA ASP A 276 -6.49 -21.49 -18.82
C ASP A 276 -5.37 -22.54 -18.80
N LEU A 277 -4.50 -22.47 -17.79
CA LEU A 277 -3.41 -23.41 -17.68
C LEU A 277 -3.89 -24.69 -17.03
N VAL A 278 -4.99 -24.60 -16.29
CA VAL A 278 -5.57 -25.77 -15.62
C VAL A 278 -6.53 -26.45 -16.59
N LYS A 279 -7.31 -25.63 -17.27
CA LYS A 279 -8.25 -26.14 -18.26
C LYS A 279 -7.41 -27.05 -19.16
N ALA A 280 -6.22 -26.58 -19.49
CA ALA A 280 -5.29 -27.29 -20.34
C ALA A 280 -4.70 -28.55 -19.70
N GLY A 281 -4.07 -28.39 -18.54
CA GLY A 281 -3.48 -29.52 -17.85
C GLY A 281 -3.60 -29.38 -16.35
N PHE A 282 -3.75 -30.50 -15.66
CA PHE A 282 -3.90 -30.49 -14.20
C PHE A 282 -3.35 -31.80 -13.62
N PRO A 283 -2.96 -31.79 -12.33
CA PRO A 283 -2.44 -33.01 -11.71
C PRO A 283 -3.54 -34.05 -11.51
N GLU A 284 -3.18 -35.15 -10.85
CA GLU A 284 -4.10 -36.26 -10.57
C GLU A 284 -5.46 -35.80 -10.06
N GLY A 285 -5.73 -36.19 -8.84
CA GLY A 285 -6.94 -35.79 -8.16
C GLY A 285 -6.36 -35.00 -7.00
N LYS A 286 -6.06 -33.73 -7.27
CA LYS A 286 -5.51 -32.85 -6.26
C LYS A 286 -6.62 -31.93 -5.82
N TYR A 287 -6.33 -31.01 -4.92
CA TYR A 287 -7.35 -30.10 -4.48
C TYR A 287 -7.17 -28.76 -5.15
N LEU A 288 -8.31 -28.11 -5.39
CA LEU A 288 -8.32 -26.82 -6.01
C LEU A 288 -9.12 -25.92 -5.11
N PHE A 289 -8.48 -24.90 -4.59
CA PHE A 289 -9.13 -23.95 -3.71
C PHE A 289 -9.49 -22.70 -4.51
N ALA A 290 -10.63 -22.77 -5.19
CA ALA A 290 -11.10 -21.66 -5.98
C ALA A 290 -11.23 -20.41 -5.10
N GLY A 291 -10.24 -19.51 -5.21
CA GLY A 291 -10.22 -18.28 -4.43
C GLY A 291 -10.93 -17.12 -5.12
N VAL A 292 -12.25 -17.18 -5.13
CA VAL A 292 -13.11 -16.18 -5.74
C VAL A 292 -13.70 -15.12 -4.81
N VAL A 293 -13.38 -15.18 -3.52
CA VAL A 293 -13.92 -14.19 -2.60
C VAL A 293 -12.89 -13.12 -2.22
N ASP A 294 -12.94 -12.00 -2.94
CA ASP A 294 -12.05 -10.88 -2.72
C ASP A 294 -11.72 -10.70 -1.21
N GLY A 295 -10.44 -10.56 -0.91
CA GLY A 295 -9.99 -10.35 0.46
C GLY A 295 -9.17 -9.08 0.37
N ARG A 296 -9.39 -8.40 -0.75
CA ARG A 296 -8.73 -7.16 -1.07
C ARG A 296 -9.70 -5.99 -1.05
N ASN A 297 -10.86 -6.14 -1.69
CA ASN A 297 -11.84 -5.07 -1.72
C ASN A 297 -12.95 -5.11 -0.65
N ILE A 298 -14.13 -4.58 -0.99
CA ILE A 298 -15.22 -4.50 -0.03
C ILE A 298 -16.64 -4.66 -0.61
N TRP A 299 -16.79 -5.43 -1.68
CA TRP A 299 -18.12 -5.60 -2.28
C TRP A 299 -18.55 -7.07 -2.30
N ALA A 300 -19.84 -7.31 -2.07
CA ALA A 300 -20.42 -8.66 -2.04
C ALA A 300 -20.22 -9.43 -3.33
N ASN A 301 -19.34 -10.41 -3.27
CA ASN A 301 -19.02 -11.25 -4.43
C ASN A 301 -20.23 -11.70 -5.24
N ASP A 302 -20.27 -11.29 -6.50
CA ASP A 302 -21.35 -11.66 -7.39
C ASP A 302 -21.55 -13.18 -7.31
N PHE A 303 -22.39 -13.61 -6.39
CA PHE A 303 -22.69 -15.02 -6.20
C PHE A 303 -22.86 -15.72 -7.54
N ALA A 304 -23.90 -15.30 -8.26
CA ALA A 304 -24.24 -15.84 -9.56
C ALA A 304 -22.99 -16.18 -10.35
N ALA A 305 -22.18 -15.16 -10.62
CA ALA A 305 -20.96 -15.35 -11.37
C ALA A 305 -20.20 -16.50 -10.76
N SER A 306 -19.75 -16.28 -9.52
CA SER A 306 -19.00 -17.27 -8.77
C SER A 306 -19.52 -18.67 -9.08
N LEU A 307 -20.65 -19.00 -8.48
CA LEU A 307 -21.24 -20.30 -8.68
C LEU A 307 -21.18 -20.80 -10.12
N SER A 308 -21.14 -19.88 -11.08
CA SER A 308 -21.07 -20.27 -12.48
C SER A 308 -19.65 -20.74 -12.78
N THR A 309 -18.68 -19.94 -12.36
CA THR A 309 -17.30 -20.30 -12.56
C THR A 309 -16.97 -21.46 -11.61
N LEU A 310 -17.27 -21.28 -10.33
CA LEU A 310 -17.02 -22.32 -9.35
C LEU A 310 -17.54 -23.65 -9.86
N GLN A 311 -18.54 -23.60 -10.72
CA GLN A 311 -19.13 -24.80 -11.30
C GLN A 311 -18.20 -25.28 -12.39
N ALA A 312 -17.91 -24.36 -13.30
CA ALA A 312 -17.03 -24.63 -14.44
C ALA A 312 -15.85 -25.50 -14.01
N LEU A 313 -15.37 -25.26 -12.79
CA LEU A 313 -14.25 -26.01 -12.25
C LEU A 313 -14.60 -27.46 -11.94
N GLU A 314 -15.82 -27.70 -11.48
CA GLU A 314 -16.24 -29.05 -11.16
C GLU A 314 -15.85 -29.91 -12.34
N GLY A 315 -15.85 -29.30 -13.52
CA GLY A 315 -15.50 -29.99 -14.74
C GLY A 315 -14.04 -30.40 -14.84
N ILE A 316 -13.14 -29.64 -14.22
CA ILE A 316 -11.73 -29.98 -14.26
C ILE A 316 -11.48 -31.14 -13.30
N VAL A 317 -12.19 -31.14 -12.18
CA VAL A 317 -12.06 -32.22 -11.20
C VAL A 317 -13.48 -32.72 -10.87
N GLY A 318 -13.90 -32.49 -9.63
CA GLY A 318 -15.24 -32.89 -9.21
C GLY A 318 -15.34 -34.18 -8.40
N LYS A 319 -14.36 -35.06 -8.57
CA LYS A 319 -14.35 -36.34 -7.84
C LYS A 319 -14.24 -36.12 -6.33
N ASP A 320 -14.68 -34.93 -5.89
CA ASP A 320 -14.69 -34.51 -4.49
C ASP A 320 -13.47 -33.67 -4.04
N LYS A 321 -12.75 -33.08 -4.99
CA LYS A 321 -11.59 -32.29 -4.62
C LYS A 321 -11.63 -30.82 -5.03
N LEU A 322 -12.80 -30.22 -4.91
CA LEU A 322 -12.98 -28.81 -5.23
C LEU A 322 -13.26 -28.09 -3.91
N VAL A 323 -12.56 -26.98 -3.63
CA VAL A 323 -12.79 -26.27 -2.38
C VAL A 323 -12.90 -24.76 -2.55
N VAL A 324 -14.00 -24.20 -2.03
CA VAL A 324 -14.23 -22.76 -2.10
C VAL A 324 -13.26 -22.08 -1.14
N SER A 325 -12.78 -20.92 -1.54
CA SER A 325 -11.84 -20.20 -0.72
C SER A 325 -11.93 -18.73 -1.01
N THR A 326 -11.32 -17.94 -0.16
CA THR A 326 -11.27 -16.51 -0.35
C THR A 326 -10.17 -16.36 -1.40
N SER A 327 -10.01 -15.18 -1.99
CA SER A 327 -8.95 -15.02 -2.99
C SER A 327 -7.61 -14.87 -2.31
N CYS A 328 -7.47 -13.78 -1.55
CA CYS A 328 -6.25 -13.50 -0.81
C CYS A 328 -6.70 -13.54 0.62
N SER A 329 -5.96 -12.90 1.51
CA SER A 329 -6.34 -12.93 2.92
C SER A 329 -7.32 -11.84 3.34
N LEU A 330 -8.41 -12.24 3.98
CA LEU A 330 -9.42 -11.29 4.45
C LEU A 330 -8.82 -10.46 5.58
N LEU A 331 -7.53 -10.16 5.44
CA LEU A 331 -6.76 -9.35 6.37
C LEU A 331 -6.60 -8.02 5.67
N HIS A 332 -6.41 -8.12 4.37
CA HIS A 332 -6.23 -6.97 3.53
C HIS A 332 -7.53 -6.24 3.29
N THR A 333 -8.63 -6.80 3.77
CA THR A 333 -9.94 -6.16 3.64
C THR A 333 -10.26 -5.58 5.02
N ALA A 334 -11.53 -5.35 5.28
CA ALA A 334 -11.94 -4.82 6.59
C ALA A 334 -12.30 -6.01 7.49
N VAL A 335 -13.26 -5.83 8.40
CA VAL A 335 -13.68 -6.89 9.30
C VAL A 335 -15.18 -7.18 9.19
N ASP A 336 -15.97 -6.66 10.12
CA ASP A 336 -17.41 -6.88 10.12
C ASP A 336 -18.18 -5.67 9.58
N LEU A 337 -18.77 -5.84 8.39
CA LEU A 337 -19.54 -4.77 7.76
C LEU A 337 -20.59 -4.27 8.72
N ILE A 338 -21.03 -5.16 9.62
CA ILE A 338 -22.07 -4.82 10.58
C ILE A 338 -21.69 -3.84 11.68
N ASN A 339 -20.70 -3.01 11.39
CA ASN A 339 -20.29 -1.97 12.32
C ASN A 339 -20.40 -0.67 11.53
N GLU A 340 -21.33 -0.69 10.58
CA GLU A 340 -21.62 0.43 9.69
C GLU A 340 -23.12 0.77 9.64
N THR A 341 -23.46 1.99 10.04
CA THR A 341 -24.82 2.49 10.03
C THR A 341 -24.88 3.80 9.27
N LYS A 342 -23.95 4.70 9.60
CA LYS A 342 -23.86 5.99 8.95
C LYS A 342 -24.07 5.76 7.47
N LEU A 343 -23.68 4.57 7.02
CA LEU A 343 -23.86 4.19 5.64
C LEU A 343 -25.30 3.72 5.47
N ASP A 344 -26.03 4.40 4.60
CA ASP A 344 -27.41 4.03 4.35
C ASP A 344 -27.45 2.58 3.91
N ASP A 345 -28.40 1.83 4.46
CA ASP A 345 -28.58 0.43 4.14
C ASP A 345 -28.36 0.13 2.66
N GLU A 346 -29.11 0.80 1.78
CA GLU A 346 -29.01 0.58 0.34
C GLU A 346 -27.61 0.25 -0.11
N ILE A 347 -26.61 0.84 0.54
CA ILE A 347 -25.22 0.63 0.19
C ILE A 347 -24.53 -0.54 0.90
N LYS A 348 -24.78 -0.71 2.19
CA LYS A 348 -24.17 -1.80 2.92
C LYS A 348 -24.61 -3.11 2.26
N SER A 349 -25.66 -3.04 1.47
CA SER A 349 -26.20 -4.18 0.75
C SER A 349 -25.27 -4.40 -0.43
N TRP A 350 -24.48 -3.37 -0.69
CA TRP A 350 -23.53 -3.35 -1.80
C TRP A 350 -22.13 -3.58 -1.32
N MSE A 351 -22.00 -4.24 -0.18
CA MSE A 351 -20.69 -4.49 0.38
C MSE A 351 -20.65 -5.81 1.12
O MSE A 351 -21.61 -6.59 1.09
CB MSE A 351 -20.31 -3.36 1.32
CG MSE A 351 -20.33 -2.00 0.66
SE MSE A 351 -20.04 -0.55 1.88
CE MSE A 351 -18.11 -0.45 1.85
N ALA A 352 -19.53 -6.04 1.79
CA ALA A 352 -19.27 -7.23 2.57
C ALA A 352 -17.83 -7.11 2.96
N PHE A 353 -17.55 -7.24 4.24
CA PHE A 353 -16.19 -7.12 4.73
C PHE A 353 -15.76 -8.52 5.19
N ALA A 354 -14.64 -8.61 5.90
CA ALA A 354 -14.16 -9.91 6.36
C ALA A 354 -15.29 -10.82 6.82
N ALA A 355 -15.82 -10.53 8.00
CA ALA A 355 -16.92 -11.30 8.58
C ALA A 355 -17.93 -11.75 7.51
N GLN A 356 -18.37 -10.81 6.70
CA GLN A 356 -19.32 -11.11 5.65
C GLN A 356 -18.75 -12.17 4.70
N LYS A 357 -17.49 -11.97 4.33
CA LYS A 357 -16.74 -12.86 3.42
C LYS A 357 -16.62 -14.29 3.93
N VAL A 358 -16.33 -14.43 5.21
CA VAL A 358 -16.25 -15.75 5.83
C VAL A 358 -17.46 -16.53 5.38
N VAL A 359 -18.62 -15.93 5.62
CA VAL A 359 -19.90 -16.51 5.25
C VAL A 359 -19.98 -16.70 3.76
N GLU A 360 -19.70 -15.63 3.03
CA GLU A 360 -19.70 -15.69 1.57
C GLU A 360 -19.20 -17.07 1.14
N VAL A 361 -17.99 -17.40 1.60
CA VAL A 361 -17.34 -18.67 1.26
C VAL A 361 -18.24 -19.86 1.55
N ASN A 362 -19.02 -19.77 2.63
CA ASN A 362 -19.92 -20.85 3.05
C ASN A 362 -21.24 -20.99 2.30
N ALA A 363 -21.78 -19.90 1.78
CA ALA A 363 -23.04 -20.00 1.03
C ALA A 363 -22.76 -20.59 -0.35
N LEU A 364 -21.57 -20.33 -0.90
CA LEU A 364 -21.16 -20.88 -2.20
C LEU A 364 -20.64 -22.28 -1.91
N ALA A 365 -20.18 -22.46 -0.69
CA ALA A 365 -19.68 -23.74 -0.23
C ALA A 365 -20.91 -24.65 -0.23
N LYS A 366 -21.95 -24.20 0.47
CA LYS A 366 -23.19 -24.93 0.56
C LYS A 366 -23.89 -25.11 -0.78
N ALA A 367 -24.27 -24.01 -1.39
CA ALA A 367 -24.99 -24.01 -2.66
C ALA A 367 -24.38 -24.88 -3.75
N LEU A 368 -23.11 -25.23 -3.59
CA LEU A 368 -22.41 -26.05 -4.56
C LEU A 368 -22.43 -27.49 -4.09
N ALA A 369 -23.39 -27.83 -3.24
CA ALA A 369 -23.45 -29.18 -2.70
C ALA A 369 -24.83 -29.59 -2.20
N GLY A 370 -25.74 -28.64 -2.14
CA GLY A 370 -27.07 -28.95 -1.68
C GLY A 370 -27.61 -27.76 -0.96
N GLN A 371 -27.92 -27.93 0.33
CA GLN A 371 -28.45 -26.86 1.16
C GLN A 371 -28.03 -25.49 0.64
N LYS A 372 -28.93 -24.85 -0.10
CA LYS A 372 -28.69 -23.54 -0.70
C LYS A 372 -29.71 -22.51 -0.24
N ASP A 373 -29.36 -21.69 0.75
CA ASP A 373 -30.29 -20.69 1.23
C ASP A 373 -30.66 -19.76 0.08
N GLU A 374 -31.70 -20.14 -0.65
CA GLU A 374 -32.19 -19.37 -1.79
C GLU A 374 -32.59 -17.98 -1.31
N ALA A 375 -32.45 -17.76 0.00
CA ALA A 375 -32.78 -16.47 0.64
C ALA A 375 -31.56 -15.54 0.59
N LEU A 376 -30.46 -16.05 0.07
CA LEU A 376 -29.21 -15.29 -0.06
C LEU A 376 -29.03 -14.84 -1.50
N PHE A 377 -29.34 -15.73 -2.44
CA PHE A 377 -29.20 -15.44 -3.86
C PHE A 377 -30.31 -14.52 -4.35
N SER A 378 -31.44 -14.55 -3.66
CA SER A 378 -32.56 -13.70 -4.01
C SER A 378 -32.15 -12.34 -3.46
N ALA A 379 -31.62 -12.36 -2.25
CA ALA A 379 -31.15 -11.14 -1.64
C ALA A 379 -29.91 -10.68 -2.39
N ASN A 380 -29.14 -11.65 -2.86
CA ASN A 380 -27.91 -11.37 -3.58
C ASN A 380 -28.15 -10.64 -4.88
N ALA A 381 -28.73 -11.36 -5.84
CA ALA A 381 -29.02 -10.81 -7.15
C ALA A 381 -29.72 -9.47 -7.04
N ALA A 382 -30.24 -9.17 -5.85
CA ALA A 382 -30.93 -7.91 -5.59
C ALA A 382 -29.83 -6.88 -5.32
N ALA A 383 -28.96 -7.24 -4.38
CA ALA A 383 -27.83 -6.39 -4.00
C ALA A 383 -27.15 -5.99 -5.32
N LEU A 384 -27.14 -6.93 -6.25
CA LEU A 384 -26.56 -6.69 -7.56
C LEU A 384 -27.48 -5.67 -8.22
N ALA A 385 -28.61 -6.18 -8.68
CA ALA A 385 -29.65 -5.42 -9.35
C ALA A 385 -29.59 -3.92 -9.13
N SER A 386 -29.69 -3.51 -7.87
CA SER A 386 -29.68 -2.09 -7.51
C SER A 386 -28.42 -1.31 -7.89
N ARG A 387 -27.25 -1.91 -7.77
CA ARG A 387 -26.00 -1.23 -8.09
C ARG A 387 -25.87 -0.88 -9.56
N ARG A 388 -26.00 -1.88 -10.41
CA ARG A 388 -25.89 -1.70 -11.86
C ARG A 388 -27.07 -0.90 -12.43
N SER A 389 -27.77 -0.17 -11.57
CA SER A 389 -28.93 0.62 -11.99
C SER A 389 -29.08 1.92 -11.21
N SER A 390 -29.09 1.81 -9.88
CA SER A 390 -29.22 2.98 -9.02
C SER A 390 -28.52 4.14 -9.67
N PRO A 391 -29.27 5.18 -10.03
CA PRO A 391 -28.68 6.36 -10.66
C PRO A 391 -27.57 7.00 -9.83
N ARG A 392 -27.30 6.45 -8.65
CA ARG A 392 -26.22 6.96 -7.82
C ARG A 392 -24.93 6.49 -8.47
N VAL A 393 -25.04 5.42 -9.25
CA VAL A 393 -23.91 4.81 -9.93
C VAL A 393 -23.64 5.46 -11.30
N THR A 394 -24.21 4.88 -12.35
CA THR A 394 -24.04 5.40 -13.70
C THR A 394 -24.58 6.84 -13.77
N ASN A 395 -23.71 7.78 -14.10
CA ASN A 395 -24.06 9.20 -14.16
C ASN A 395 -23.81 9.88 -15.51
N GLU A 396 -24.36 11.08 -15.66
CA GLU A 396 -24.16 11.86 -16.87
C GLU A 396 -22.74 12.41 -16.81
N GLY A 397 -21.91 11.73 -16.03
CA GLY A 397 -20.51 12.08 -15.86
C GLY A 397 -19.79 11.29 -16.94
N VAL A 398 -20.45 10.24 -17.42
CA VAL A 398 -19.90 9.43 -18.49
C VAL A 398 -19.98 10.30 -19.72
N GLN A 399 -19.92 11.60 -19.45
CA GLN A 399 -19.98 12.65 -20.44
C GLN A 399 -18.60 12.83 -21.06
N LYS A 400 -17.65 13.20 -20.21
CA LYS A 400 -16.27 13.42 -20.65
C LYS A 400 -15.53 12.10 -20.80
N ALA A 401 -15.88 11.36 -21.85
CA ALA A 401 -15.25 10.09 -22.12
C ALA A 401 -15.09 9.98 -23.63
N ALA A 402 -16.16 10.29 -24.36
CA ALA A 402 -16.12 10.25 -25.83
C ALA A 402 -15.20 11.39 -26.26
N ALA A 403 -14.88 12.24 -25.27
CA ALA A 403 -14.00 13.38 -25.46
C ALA A 403 -12.66 13.05 -24.82
N ALA A 404 -12.53 11.81 -24.37
CA ALA A 404 -11.31 11.33 -23.73
C ALA A 404 -10.51 10.48 -24.71
N LEU A 405 -11.14 9.44 -25.24
CA LEU A 405 -10.48 8.56 -26.20
C LEU A 405 -10.02 9.45 -27.35
N LYS A 406 -10.48 10.70 -27.29
CA LYS A 406 -10.16 11.71 -28.28
C LYS A 406 -8.73 12.25 -28.06
N GLY A 407 -7.74 11.42 -28.37
CA GLY A 407 -6.33 11.81 -28.23
C GLY A 407 -5.86 12.09 -26.80
N SER A 408 -4.57 11.92 -26.56
CA SER A 408 -4.01 12.17 -25.24
C SER A 408 -4.26 13.63 -24.89
N ASP A 409 -3.43 14.21 -24.03
CA ASP A 409 -3.62 15.61 -23.65
C ASP A 409 -2.36 16.35 -23.25
N HIS A 410 -1.28 16.17 -23.99
CA HIS A 410 -0.03 16.87 -23.69
C HIS A 410 -0.41 18.34 -23.49
N ARG A 411 0.24 19.01 -22.53
CA ARG A 411 -0.06 20.40 -22.24
C ARG A 411 0.22 21.32 -23.41
N ARG A 412 -0.83 22.01 -23.87
CA ARG A 412 -0.79 22.96 -25.01
C ARG A 412 0.57 23.14 -25.66
N ALA A 413 1.17 22.02 -26.06
CA ALA A 413 2.47 22.02 -26.68
C ALA A 413 3.43 22.91 -25.88
N THR A 414 4.03 23.88 -26.56
CA THR A 414 5.00 24.78 -25.94
C THR A 414 6.10 23.93 -25.33
N ASN A 415 7.20 23.78 -26.05
CA ASN A 415 8.35 23.00 -25.57
C ASN A 415 8.82 23.63 -24.27
N VAL A 416 7.98 23.48 -23.24
CA VAL A 416 8.19 24.01 -21.90
C VAL A 416 9.15 25.20 -21.79
N SER A 417 10.38 25.05 -22.27
CA SER A 417 11.36 26.15 -22.22
C SER A 417 10.87 27.33 -23.04
N ALA A 418 9.68 27.20 -23.62
CA ALA A 418 9.08 28.25 -24.43
C ALA A 418 8.06 28.98 -23.55
N ARG A 419 7.51 28.23 -22.60
CA ARG A 419 6.54 28.77 -21.65
C ARG A 419 7.26 29.21 -20.38
N LEU A 420 8.32 28.50 -20.02
CA LEU A 420 9.09 28.85 -18.84
C LEU A 420 9.44 30.33 -18.93
N ASP A 421 9.77 30.78 -20.14
CA ASP A 421 10.12 32.17 -20.37
C ASP A 421 8.97 33.05 -19.92
N ALA A 422 7.75 32.65 -20.26
CA ALA A 422 6.53 33.37 -19.90
C ALA A 422 6.35 33.38 -18.40
N GLN A 423 6.33 32.18 -17.82
CA GLN A 423 6.17 32.02 -16.39
C GLN A 423 7.21 32.82 -15.62
N GLN A 424 7.97 33.64 -16.32
CA GLN A 424 8.99 34.49 -15.71
C GLN A 424 8.48 35.92 -15.72
N LYS A 425 8.09 36.39 -16.90
CA LYS A 425 7.58 37.74 -17.04
C LYS A 425 6.34 37.96 -16.20
N LYS A 426 5.42 36.99 -16.26
CA LYS A 426 4.14 37.05 -15.52
C LYS A 426 4.28 36.49 -14.10
N LEU A 427 5.54 36.26 -13.70
CA LEU A 427 5.90 35.72 -12.39
C LEU A 427 7.42 35.87 -12.36
N ASN A 428 7.93 36.91 -11.70
CA ASN A 428 9.38 37.19 -11.63
C ASN A 428 10.32 36.14 -11.01
N LEU A 429 10.67 36.33 -9.73
CA LEU A 429 11.53 35.41 -8.98
C LEU A 429 13.04 35.52 -9.24
N PRO A 430 13.86 35.05 -8.28
CA PRO A 430 15.33 35.07 -8.36
C PRO A 430 15.85 33.66 -8.68
N ILE A 431 17.17 33.49 -8.52
CA ILE A 431 17.78 32.19 -8.76
C ILE A 431 17.25 31.26 -7.66
N LEU A 432 17.28 29.97 -7.93
CA LEU A 432 16.81 28.97 -6.96
C LEU A 432 15.71 29.46 -6.03
N PRO A 433 14.51 29.74 -6.57
CA PRO A 433 13.41 30.21 -5.72
C PRO A 433 13.09 29.26 -4.56
N THR A 434 13.04 29.80 -3.35
CA THR A 434 12.77 28.98 -2.17
C THR A 434 11.29 28.68 -1.93
N THR A 435 11.03 27.47 -1.43
CA THR A 435 9.69 26.99 -1.10
C THR A 435 9.79 25.75 -0.20
N THR A 436 8.66 25.12 0.12
CA THR A 436 8.66 23.94 0.99
C THR A 436 8.16 22.66 0.35
N ILE A 437 7.11 22.06 0.95
CA ILE A 437 6.54 20.81 0.42
C ILE A 437 5.01 20.71 0.44
N GLY A 438 4.36 20.89 1.60
CA GLY A 438 2.91 20.79 1.62
C GLY A 438 2.07 21.04 2.87
N SER A 439 2.52 20.56 4.03
CA SER A 439 1.75 20.72 5.26
C SER A 439 2.56 21.21 6.45
N PHE A 440 1.86 21.56 7.54
CA PHE A 440 2.52 22.04 8.75
C PHE A 440 1.92 21.59 10.08
N PRO A 441 2.69 21.73 11.18
CA PRO A 441 2.32 21.37 12.55
C PRO A 441 1.17 22.17 13.17
N GLN A 442 0.66 21.70 14.31
CA GLN A 442 -0.45 22.34 15.02
C GLN A 442 -0.03 22.88 16.39
N THR A 443 -1.04 23.28 17.17
CA THR A 443 -0.82 23.79 18.52
C THR A 443 -1.79 23.03 19.43
N VAL A 444 -2.74 23.74 20.03
CA VAL A 444 -3.72 23.09 20.90
C VAL A 444 -4.69 22.35 20.00
N GLU A 445 -5.44 23.12 19.21
CA GLU A 445 -6.41 22.57 18.27
C GLU A 445 -7.68 22.03 18.89
N LEU A 446 -8.78 22.23 18.18
CA LEU A 446 -10.07 21.77 18.65
C LEU A 446 -10.66 20.81 17.62
N ARG A 447 -11.40 19.82 18.12
CA ARG A 447 -12.02 18.83 17.25
C ARG A 447 -13.33 18.33 17.86
N GLU A 461 -17.34 30.88 15.46
CA GLU A 461 -17.21 30.43 14.08
C GLU A 461 -15.86 29.82 13.75
N ASP A 462 -15.74 29.36 12.51
CA ASP A 462 -14.52 28.73 12.02
C ASP A 462 -13.77 29.58 11.00
N TYR A 463 -13.74 30.88 11.24
CA TYR A 463 -13.03 31.84 10.39
C TYR A 463 -12.26 32.75 11.35
N VAL A 464 -12.83 32.89 12.55
CA VAL A 464 -12.25 33.69 13.63
C VAL A 464 -11.13 32.85 14.22
N LYS A 465 -11.13 31.57 13.84
CA LYS A 465 -10.15 30.61 14.29
C LYS A 465 -9.51 29.97 13.05
N ALA A 466 -10.09 30.22 11.89
CA ALA A 466 -9.58 29.69 10.63
C ALA A 466 -8.32 30.40 10.18
N ILE A 467 -8.50 31.57 9.57
CA ILE A 467 -7.38 32.35 9.08
C ILE A 467 -6.38 32.59 10.21
N LYS A 468 -6.90 32.74 11.43
CA LYS A 468 -6.10 32.97 12.62
C LYS A 468 -4.70 32.40 12.42
N GLU A 469 -4.64 31.13 12.02
CA GLU A 469 -3.36 30.48 11.80
C GLU A 469 -2.91 30.61 10.35
N GLU A 470 -3.86 30.53 9.42
CA GLU A 470 -3.53 30.65 8.00
C GLU A 470 -2.75 31.94 7.76
N ILE A 471 -3.01 32.96 8.59
CA ILE A 471 -2.34 34.25 8.48
C ILE A 471 -0.98 34.28 9.18
N LYS A 472 -0.85 33.55 10.27
CA LYS A 472 0.43 33.51 10.96
C LYS A 472 1.39 32.77 10.05
N LYS A 473 0.89 31.72 9.41
CA LYS A 473 1.70 30.94 8.48
C LYS A 473 2.17 31.93 7.41
N VAL A 474 1.29 32.89 7.11
CA VAL A 474 1.54 33.93 6.13
C VAL A 474 2.64 34.90 6.59
N VAL A 475 2.34 35.59 7.69
CA VAL A 475 3.25 36.56 8.28
C VAL A 475 4.55 35.89 8.69
N ASP A 476 4.54 34.57 8.79
CA ASP A 476 5.74 33.82 9.14
C ASP A 476 6.51 33.34 7.91
N LEU A 477 5.78 32.98 6.86
CA LEU A 477 6.41 32.51 5.64
C LEU A 477 7.04 33.68 4.90
N GLN A 478 6.59 34.88 5.23
CA GLN A 478 7.12 36.09 4.60
C GLN A 478 8.33 36.58 5.37
N GLU A 479 8.09 37.10 6.57
CA GLU A 479 9.15 37.62 7.43
C GLU A 479 10.31 36.65 7.42
N GLU A 480 9.99 35.37 7.27
CA GLU A 480 11.00 34.33 7.24
C GLU A 480 11.91 34.47 6.02
N LEU A 481 13.19 34.77 6.29
CA LEU A 481 14.23 34.96 5.28
C LEU A 481 13.74 35.33 3.88
N ASP A 482 12.62 36.05 3.84
CA ASP A 482 11.99 36.50 2.61
C ASP A 482 11.10 35.37 2.04
N ILE A 483 11.72 34.41 1.36
CA ILE A 483 11.02 33.26 0.76
C ILE A 483 10.25 33.62 -0.50
N ASP A 484 10.95 33.53 -1.63
CA ASP A 484 10.39 33.83 -2.93
C ASP A 484 8.97 33.29 -3.05
N VAL A 485 8.83 31.98 -3.22
CA VAL A 485 7.51 31.37 -3.32
C VAL A 485 7.04 30.96 -1.94
N LEU A 486 5.72 30.98 -1.73
CA LEU A 486 5.15 30.61 -0.44
C LEU A 486 4.18 29.43 -0.50
N VAL A 487 3.68 29.02 0.68
CA VAL A 487 2.76 27.88 0.83
C VAL A 487 1.66 28.14 1.88
N HIS A 488 0.41 27.75 1.62
CA HIS A 488 -0.67 28.00 2.60
C HIS A 488 -0.66 27.12 3.86
N GLY A 489 -0.60 25.80 3.72
CA GLY A 489 -0.52 24.94 4.91
C GLY A 489 -1.64 23.99 5.28
N GLU A 490 -2.46 23.58 4.30
CA GLU A 490 -3.60 22.65 4.49
C GLU A 490 -4.26 22.55 5.88
N PRO A 491 -4.47 23.68 6.56
CA PRO A 491 -5.09 23.54 7.88
C PRO A 491 -6.56 23.10 7.75
N GLU A 492 -7.29 23.70 6.84
CA GLU A 492 -8.70 23.38 6.63
C GLU A 492 -8.91 21.98 6.05
N ARG A 493 -8.35 20.98 6.71
CA ARG A 493 -8.46 19.59 6.25
C ARG A 493 -8.22 18.58 7.36
N ASN A 494 -7.87 17.36 6.95
CA ASN A 494 -7.60 16.26 7.88
C ASN A 494 -6.51 15.43 7.19
N ASP A 495 -6.90 14.70 6.15
CA ASP A 495 -5.94 13.93 5.39
C ASP A 495 -6.09 14.39 3.95
N MSE A 496 -4.95 14.73 3.34
CA MSE A 496 -4.91 15.20 1.96
C MSE A 496 -5.85 14.41 1.05
O MSE A 496 -6.29 14.92 0.02
CB MSE A 496 -3.46 15.10 1.44
CG MSE A 496 -2.67 13.93 2.04
SE MSE A 496 -1.10 13.44 1.02
CE MSE A 496 -0.03 15.03 1.29
N VAL A 497 -6.15 13.18 1.44
CA VAL A 497 -7.04 12.31 0.67
C VAL A 497 -8.42 12.35 1.28
N GLU A 498 -8.49 12.12 2.59
CA GLU A 498 -9.77 12.13 3.31
C GLU A 498 -10.55 13.38 2.89
N TYR A 499 -9.82 14.50 2.80
CA TYR A 499 -10.39 15.78 2.43
C TYR A 499 -11.18 15.79 1.13
N PHE A 500 -10.48 16.02 0.02
CA PHE A 500 -11.13 16.10 -1.29
C PHE A 500 -12.24 15.08 -1.52
N GLY A 501 -12.23 14.01 -0.74
CA GLY A 501 -13.24 12.98 -0.89
C GLY A 501 -14.69 13.42 -0.93
N GLU A 502 -15.18 13.84 0.24
CA GLU A 502 -16.57 14.29 0.38
C GLU A 502 -16.90 15.54 -0.45
N GLN A 503 -16.35 15.61 -1.65
CA GLN A 503 -16.61 16.74 -2.53
C GLN A 503 -16.56 16.26 -3.95
N LEU A 504 -16.75 14.96 -4.09
CA LEU A 504 -16.74 14.33 -5.39
C LEU A 504 -17.89 13.35 -5.37
N SER A 505 -18.46 13.10 -6.55
CA SER A 505 -19.61 12.20 -6.68
C SER A 505 -19.47 10.86 -5.99
N GLY A 506 -19.20 9.82 -6.77
CA GLY A 506 -19.05 8.49 -6.20
C GLY A 506 -18.01 8.44 -5.11
N PHE A 507 -18.26 9.13 -4.00
CA PHE A 507 -17.32 9.17 -2.92
C PHE A 507 -17.90 9.06 -1.53
N ALA A 508 -18.26 7.85 -1.14
CA ALA A 508 -18.85 7.62 0.17
C ALA A 508 -17.75 7.32 1.17
N PHE A 509 -18.11 7.26 2.44
CA PHE A 509 -17.14 6.99 3.48
C PHE A 509 -17.66 5.96 4.47
N THR A 510 -16.70 5.26 5.08
CA THR A 510 -16.96 4.20 6.05
C THR A 510 -16.74 4.73 7.47
N ALA A 511 -17.20 3.95 8.45
CA ALA A 511 -17.08 4.32 9.86
C ALA A 511 -16.11 3.44 10.65
N ASN A 512 -16.31 2.12 10.58
CA ASN A 512 -15.46 1.17 11.30
C ASN A 512 -14.59 0.24 10.43
N GLY A 513 -14.77 0.30 9.11
CA GLY A 513 -13.98 -0.54 8.22
C GLY A 513 -12.53 -0.11 8.18
N TRP A 514 -11.71 -0.69 9.04
CA TRP A 514 -10.29 -0.35 9.08
C TRP A 514 -9.40 -1.44 8.52
N VAL A 515 -8.18 -1.06 8.17
CA VAL A 515 -7.20 -1.99 7.64
C VAL A 515 -5.89 -1.67 8.34
N GLN A 516 -5.00 -2.63 8.39
CA GLN A 516 -3.72 -2.42 9.03
C GLN A 516 -2.71 -1.99 7.97
N SER A 517 -1.64 -1.35 8.40
CA SER A 517 -0.58 -0.90 7.49
C SER A 517 0.78 -1.06 8.14
N TYR A 518 0.81 -1.90 9.18
CA TYR A 518 2.00 -2.24 9.97
C TYR A 518 1.77 -1.83 11.42
N GLY A 519 2.39 -2.57 12.34
CA GLY A 519 2.22 -2.27 13.75
C GLY A 519 0.78 -2.01 14.13
N SER A 520 0.57 -1.15 15.11
CA SER A 520 -0.78 -0.80 15.57
C SER A 520 -1.42 0.12 14.54
N ARG A 521 -0.60 0.67 13.66
CA ARG A 521 -1.05 1.59 12.64
C ARG A 521 -2.05 0.99 11.68
N CYS A 522 -3.16 1.69 11.51
CA CYS A 522 -4.22 1.26 10.61
C CYS A 522 -4.75 2.43 9.78
N VAL A 523 -5.41 2.14 8.67
CA VAL A 523 -5.94 3.17 7.80
C VAL A 523 -7.36 2.88 7.36
N LYS A 524 -8.12 3.92 7.02
CA LYS A 524 -9.50 3.73 6.56
C LYS A 524 -9.74 4.38 5.19
N PRO A 525 -9.10 3.83 4.14
CA PRO A 525 -9.23 4.35 2.78
C PRO A 525 -10.67 4.63 2.35
N PRO A 526 -10.91 5.82 1.80
CA PRO A 526 -12.22 6.27 1.31
C PRO A 526 -12.77 5.29 0.30
N VAL A 527 -14.06 5.42 0.05
CA VAL A 527 -14.75 4.54 -0.87
C VAL A 527 -15.29 5.29 -2.08
N ILE A 528 -14.98 4.74 -3.25
CA ILE A 528 -15.42 5.30 -4.52
C ILE A 528 -16.64 4.48 -5.01
N TYR A 529 -17.81 5.11 -5.07
CA TYR A 529 -19.01 4.38 -5.51
C TYR A 529 -19.44 4.61 -6.97
N GLY A 530 -19.97 5.79 -7.27
CA GLY A 530 -20.41 6.07 -8.62
C GLY A 530 -19.39 6.92 -9.36
N ASP A 531 -19.59 7.06 -10.66
CA ASP A 531 -18.71 7.84 -11.51
C ASP A 531 -18.36 9.20 -10.87
N VAL A 532 -17.24 9.23 -10.14
CA VAL A 532 -16.77 10.43 -9.45
C VAL A 532 -16.97 11.74 -10.23
N SER A 533 -17.13 12.84 -9.50
CA SER A 533 -17.34 14.18 -10.08
C SER A 533 -17.52 15.31 -9.04
N ARG A 534 -16.87 16.45 -9.29
CA ARG A 534 -16.95 17.57 -8.37
C ARG A 534 -17.84 18.72 -8.85
N PRO A 535 -19.16 18.60 -8.67
CA PRO A 535 -20.11 19.64 -9.09
C PRO A 535 -19.75 21.02 -8.54
N LYS A 536 -19.28 21.03 -7.29
CA LYS A 536 -18.91 22.27 -6.62
C LYS A 536 -17.41 22.45 -6.43
N ALA A 537 -17.01 23.71 -6.28
CA ALA A 537 -15.62 24.08 -6.09
C ALA A 537 -15.10 23.54 -4.77
N MSE A 538 -13.80 23.23 -4.70
CA MSE A 538 -13.20 22.66 -3.50
C MSE A 538 -12.05 23.42 -2.82
O MSE A 538 -11.82 23.24 -1.62
CB MSE A 538 -12.73 21.24 -3.82
CG MSE A 538 -13.83 20.32 -4.36
SE MSE A 538 -13.12 18.67 -5.06
CE MSE A 538 -11.32 18.83 -4.41
N THR A 539 -11.32 24.23 -3.56
CA THR A 539 -10.24 24.98 -2.93
C THR A 539 -10.50 26.48 -3.07
N VAL A 540 -10.20 27.02 -4.24
CA VAL A 540 -10.41 28.45 -4.54
C VAL A 540 -10.05 29.46 -3.43
N PHE A 541 -11.06 30.02 -2.77
CA PHE A 541 -10.83 31.04 -1.74
C PHE A 541 -9.88 30.63 -0.62
N TRP A 542 -9.81 29.35 -0.34
CA TRP A 542 -8.91 28.87 0.71
C TRP A 542 -7.48 29.16 0.30
N SER A 543 -7.27 29.30 -1.00
CA SER A 543 -5.95 29.59 -1.52
C SER A 543 -5.85 31.11 -1.75
N ALA A 544 -6.96 31.71 -2.18
CA ALA A 544 -7.00 33.15 -2.43
C ALA A 544 -7.08 33.82 -1.07
N MSE A 545 -7.20 33.01 -0.05
CA MSE A 545 -7.28 33.48 1.32
C MSE A 545 -5.93 34.10 1.65
O MSE A 545 -5.85 35.22 2.15
CB MSE A 545 -7.56 32.31 2.26
CG MSE A 545 -8.11 32.68 3.63
SE MSE A 545 -10.05 32.90 3.65
CE MSE A 545 -10.13 34.83 3.69
N ALA A 546 -4.86 33.35 1.36
CA ALA A 546 -3.50 33.81 1.62
C ALA A 546 -2.96 34.69 0.49
N GLN A 547 -3.08 34.22 -0.75
CA GLN A 547 -2.63 34.99 -1.91
C GLN A 547 -3.57 36.17 -2.04
N SER A 548 -3.42 37.11 -1.13
CA SER A 548 -4.21 38.32 -1.06
C SER A 548 -3.54 39.13 0.03
N MSE A 549 -2.79 38.42 0.86
CA MSE A 549 -2.09 38.98 1.99
C MSE A 549 -0.62 39.20 1.63
O MSE A 549 0.02 40.17 2.04
CB MSE A 549 -2.24 38.03 3.17
CG MSE A 549 -3.61 37.33 3.17
SE MSE A 549 -3.93 36.08 4.60
CE MSE A 549 -4.68 37.30 5.89
N THR A 550 -0.09 38.27 0.85
CA THR A 550 1.29 38.33 0.45
C THR A 550 1.48 38.81 -0.99
N SER A 551 2.65 39.38 -1.25
CA SER A 551 3.02 39.89 -2.57
C SER A 551 3.96 38.92 -3.27
N ARG A 552 4.11 37.73 -2.69
CA ARG A 552 4.98 36.69 -3.23
C ARG A 552 4.19 35.48 -3.72
N PRO A 553 4.74 34.74 -4.70
CA PRO A 553 4.13 33.56 -5.31
C PRO A 553 3.47 32.58 -4.32
N MSE A 554 2.15 32.48 -4.39
CA MSE A 554 1.38 31.57 -3.55
C MSE A 554 0.94 30.37 -4.36
O MSE A 554 0.02 30.46 -5.18
CB MSE A 554 0.15 32.27 -2.99
CG MSE A 554 0.16 32.44 -1.47
SE MSE A 554 0.11 30.78 -0.48
CE MSE A 554 -1.79 30.45 -0.58
N LYS A 555 1.59 29.22 -4.13
CA LYS A 555 1.28 28.00 -4.86
C LYS A 555 0.07 27.23 -4.32
N GLY A 556 -0.81 26.83 -5.24
CA GLY A 556 -2.00 26.07 -4.86
C GLY A 556 -1.67 24.75 -4.22
N MSE A 557 -2.68 23.88 -4.09
CA MSE A 557 -2.47 22.59 -3.47
C MSE A 557 -3.46 21.52 -3.90
O MSE A 557 -4.53 21.41 -3.33
CB MSE A 557 -2.49 22.71 -1.96
CG MSE A 557 -1.12 22.65 -1.32
SE MSE A 557 -0.11 21.08 -1.86
CE MSE A 557 -1.34 19.72 -1.24
N LEU A 558 -3.07 20.73 -4.88
CA LEU A 558 -3.94 19.66 -5.35
C LEU A 558 -3.36 18.31 -4.95
N THR A 559 -4.19 17.27 -4.99
CA THR A 559 -3.76 15.91 -4.67
C THR A 559 -4.07 14.98 -5.85
N GLY A 560 -3.12 14.84 -6.77
CA GLY A 560 -3.29 13.99 -7.94
C GLY A 560 -4.35 12.88 -7.93
N PRO A 561 -4.98 12.62 -9.09
CA PRO A 561 -6.01 11.59 -9.27
C PRO A 561 -5.43 10.19 -9.14
N VAL A 562 -4.12 10.10 -9.29
CA VAL A 562 -3.41 8.84 -9.17
C VAL A 562 -3.51 8.44 -7.71
N THR A 563 -2.78 9.17 -6.89
CA THR A 563 -2.76 8.96 -5.45
C THR A 563 -4.15 8.68 -4.89
N ILE A 564 -5.03 9.67 -5.03
CA ILE A 564 -6.41 9.54 -4.58
C ILE A 564 -6.92 8.12 -4.84
N LEU A 565 -7.04 7.77 -6.12
CA LEU A 565 -7.52 6.46 -6.54
C LEU A 565 -6.83 5.37 -5.76
N ASN A 566 -5.52 5.26 -5.91
CA ASN A 566 -4.79 4.21 -5.22
C ASN A 566 -5.24 4.04 -3.78
N TRP A 567 -5.01 5.05 -2.94
CA TRP A 567 -5.40 4.96 -1.52
C TRP A 567 -6.90 4.88 -1.26
N SER A 568 -7.58 3.90 -1.84
CA SER A 568 -9.02 3.73 -1.64
C SER A 568 -9.59 2.45 -2.25
N PHE A 569 -10.74 2.04 -1.72
CA PHE A 569 -11.43 0.87 -2.22
C PHE A 569 -12.20 1.28 -3.47
N VAL A 570 -11.63 0.98 -4.64
CA VAL A 570 -12.20 1.31 -5.94
C VAL A 570 -13.08 0.20 -6.52
N ARG A 571 -14.28 0.58 -6.96
CA ARG A 571 -15.26 -0.39 -7.48
C ARG A 571 -14.79 -1.53 -8.36
N ASN A 572 -15.62 -2.58 -8.42
CA ASN A 572 -15.34 -3.78 -9.18
C ASN A 572 -16.39 -3.98 -10.27
N ASP A 573 -16.58 -2.98 -11.11
CA ASP A 573 -17.55 -3.09 -12.19
C ASP A 573 -17.02 -2.43 -13.44
N GLN A 574 -15.79 -1.95 -13.34
CA GLN A 574 -15.10 -1.28 -14.43
C GLN A 574 -13.65 -1.07 -14.02
N PRO A 575 -12.76 -0.88 -14.99
CA PRO A 575 -11.32 -0.65 -14.88
C PRO A 575 -10.86 0.38 -13.84
N ARG A 576 -9.61 0.24 -13.42
CA ARG A 576 -9.00 1.14 -12.45
C ARG A 576 -8.77 2.51 -13.08
N HIS A 577 -8.29 2.50 -14.32
CA HIS A 577 -8.01 3.71 -15.06
C HIS A 577 -9.24 4.56 -15.29
N GLU A 578 -10.29 3.92 -15.81
CA GLU A 578 -11.54 4.59 -16.10
C GLU A 578 -11.98 5.43 -14.91
N THR A 579 -12.06 4.82 -13.73
CA THR A 579 -12.44 5.56 -12.53
C THR A 579 -11.34 6.58 -12.32
N CYS A 580 -10.10 6.13 -12.43
CA CYS A 580 -8.95 7.00 -12.25
C CYS A 580 -9.06 8.30 -13.00
N TYR A 581 -9.25 8.22 -14.32
CA TYR A 581 -9.35 9.40 -15.13
C TYR A 581 -10.45 10.37 -14.73
N GLN A 582 -11.65 9.86 -14.50
CA GLN A 582 -12.75 10.72 -14.08
C GLN A 582 -12.20 11.58 -12.94
N ILE A 583 -11.58 10.91 -11.98
CA ILE A 583 -10.99 11.56 -10.82
C ILE A 583 -9.89 12.55 -11.22
N ALA A 584 -9.58 12.59 -12.51
CA ALA A 584 -8.55 13.49 -13.01
C ALA A 584 -9.21 14.68 -13.67
N LEU A 585 -10.42 14.46 -14.18
CA LEU A 585 -11.23 15.47 -14.85
C LEU A 585 -11.65 16.56 -13.89
N ALA A 586 -12.18 16.12 -12.75
CA ALA A 586 -12.61 17.03 -11.72
C ALA A 586 -11.43 17.96 -11.37
N ILE A 587 -10.23 17.40 -11.34
CA ILE A 587 -9.04 18.16 -11.01
C ILE A 587 -8.88 19.37 -11.92
N LYS A 588 -8.89 19.11 -13.22
CA LYS A 588 -8.76 20.17 -14.21
C LYS A 588 -9.74 21.30 -13.88
N ASP A 589 -10.85 20.94 -13.23
CA ASP A 589 -11.86 21.92 -12.83
C ASP A 589 -11.26 22.84 -11.79
N GLU A 590 -10.57 22.27 -10.83
CA GLU A 590 -9.95 23.06 -9.77
C GLU A 590 -8.73 23.84 -10.22
N VAL A 591 -7.80 23.19 -10.91
CA VAL A 591 -6.60 23.89 -11.38
C VAL A 591 -7.04 25.12 -12.16
N GLU A 592 -7.98 24.91 -13.08
CA GLU A 592 -8.50 25.99 -13.90
C GLU A 592 -9.21 27.04 -13.05
N ASP A 593 -9.41 26.73 -11.77
CA ASP A 593 -10.05 27.67 -10.87
C ASP A 593 -9.03 28.51 -10.12
N LEU A 594 -7.86 27.95 -9.80
CA LEU A 594 -6.83 28.74 -9.11
C LEU A 594 -6.21 29.58 -10.22
N GLU A 595 -6.53 29.19 -11.46
CA GLU A 595 -6.07 29.87 -12.66
C GLU A 595 -6.86 31.16 -12.78
N LYS A 596 -8.16 31.02 -12.92
CA LYS A 596 -9.03 32.17 -13.03
C LYS A 596 -9.12 32.81 -11.65
N GLY A 597 -9.02 31.98 -10.61
CA GLY A 597 -9.06 32.48 -9.25
C GLY A 597 -7.87 33.37 -8.97
N GLY A 598 -6.96 33.41 -9.94
CA GLY A 598 -5.78 34.24 -9.79
C GLY A 598 -4.51 33.42 -9.68
N ILE A 599 -4.25 32.92 -8.47
CA ILE A 599 -3.05 32.14 -8.18
C ILE A 599 -2.32 31.70 -9.44
N GLY A 600 -1.09 32.20 -9.58
CA GLY A 600 -0.28 31.87 -10.74
C GLY A 600 0.36 30.50 -10.64
N VAL A 601 0.77 30.11 -9.43
CA VAL A 601 1.40 28.81 -9.22
C VAL A 601 0.50 27.79 -8.54
N ILE A 602 0.47 26.59 -9.11
CA ILE A 602 -0.36 25.52 -8.59
C ILE A 602 0.44 24.22 -8.50
N GLN A 603 0.85 23.87 -7.28
CA GLN A 603 1.58 22.64 -7.02
C GLN A 603 0.63 21.45 -6.95
N ILE A 604 1.05 20.33 -7.52
CA ILE A 604 0.27 19.11 -7.53
C ILE A 604 1.17 17.98 -7.06
N ASP A 605 0.61 17.07 -6.26
CA ASP A 605 1.40 15.96 -5.75
C ASP A 605 0.91 14.57 -6.19
N GLU A 606 1.87 13.66 -6.36
CA GLU A 606 1.61 12.28 -6.77
C GLU A 606 2.62 11.34 -6.12
N ALA A 607 2.69 11.42 -4.81
CA ALA A 607 3.58 10.59 -4.04
C ALA A 607 3.22 9.13 -4.30
N ALA A 608 1.91 8.85 -4.30
CA ALA A 608 1.40 7.49 -4.52
C ALA A 608 1.36 7.11 -5.99
N LEU A 609 2.44 7.42 -6.69
CA LEU A 609 2.61 7.14 -8.11
C LEU A 609 3.01 5.69 -8.41
N ARG A 610 4.11 5.24 -7.78
CA ARG A 610 4.65 3.90 -7.99
C ARG A 610 3.77 2.76 -7.44
N GLU A 611 3.19 2.98 -6.27
CA GLU A 611 2.35 2.01 -5.56
C GLU A 611 1.31 1.24 -6.36
N GLY A 612 1.23 1.46 -7.67
CA GLY A 612 0.23 0.75 -8.43
C GLY A 612 0.85 -0.25 -9.39
N LEU A 613 2.17 -0.34 -9.37
CA LEU A 613 2.92 -1.23 -10.25
C LEU A 613 2.50 -2.69 -10.16
N PRO A 614 1.90 -3.21 -11.24
CA PRO A 614 1.43 -4.58 -11.36
C PRO A 614 2.58 -5.59 -11.37
N LEU A 615 2.69 -6.32 -10.28
CA LEU A 615 3.71 -7.34 -10.07
C LEU A 615 4.29 -7.94 -11.36
N ARG A 616 3.41 -8.25 -12.31
CA ARG A 616 3.83 -8.80 -13.60
C ARG A 616 4.47 -7.67 -14.38
N LYS A 617 5.80 -7.65 -14.43
CA LYS A 617 6.51 -6.57 -15.12
C LYS A 617 5.96 -6.15 -16.48
N SER A 618 5.80 -7.10 -17.41
CA SER A 618 5.29 -6.78 -18.74
C SER A 618 3.98 -6.02 -18.64
N GLU A 619 3.40 -5.99 -17.45
CA GLU A 619 2.14 -5.29 -17.23
C GLU A 619 2.37 -3.85 -16.78
N HIS A 620 3.62 -3.52 -16.46
CA HIS A 620 3.95 -2.18 -16.01
C HIS A 620 3.59 -1.09 -16.99
N ALA A 621 4.42 -0.95 -18.02
CA ALA A 621 4.25 0.06 -19.07
C ALA A 621 2.84 0.64 -19.23
N PHE A 622 1.83 -0.20 -19.02
CA PHE A 622 0.44 0.24 -19.15
C PHE A 622 0.03 1.08 -17.94
N TYR A 623 0.45 0.67 -16.76
CA TYR A 623 0.13 1.41 -15.55
C TYR A 623 0.59 2.86 -15.73
N LEU A 624 1.89 3.01 -15.97
CA LEU A 624 2.52 4.31 -16.18
C LEU A 624 1.82 5.07 -17.29
N ASP A 625 0.97 4.37 -18.03
CA ASP A 625 0.23 4.95 -19.13
C ASP A 625 -0.86 5.83 -18.54
N TRP A 626 -2.03 5.24 -18.28
CA TRP A 626 -3.13 6.02 -17.72
C TRP A 626 -2.72 6.76 -16.47
N ALA A 627 -1.71 6.24 -15.78
CA ALA A 627 -1.23 6.88 -14.58
C ALA A 627 -0.73 8.30 -14.91
N VAL A 628 0.26 8.42 -15.79
CA VAL A 628 0.82 9.73 -16.14
C VAL A 628 -0.03 10.56 -17.08
N HIS A 629 -0.57 9.93 -18.12
CA HIS A 629 -1.42 10.66 -19.05
C HIS A 629 -2.37 11.47 -18.19
N SER A 630 -2.95 10.78 -17.19
CA SER A 630 -3.90 11.36 -16.24
C SER A 630 -3.39 12.61 -15.52
N PHE A 631 -2.12 12.60 -15.13
CA PHE A 631 -1.55 13.72 -14.41
C PHE A 631 -1.64 14.92 -15.31
N ARG A 632 -1.46 14.68 -16.60
CA ARG A 632 -1.52 15.72 -17.60
C ARG A 632 -2.97 16.14 -17.75
N ILE A 633 -3.87 15.17 -17.84
CA ILE A 633 -5.29 15.46 -17.94
C ILE A 633 -5.78 16.29 -16.76
N THR A 634 -4.86 17.02 -16.15
CA THR A 634 -5.18 17.86 -15.01
C THR A 634 -4.93 19.33 -15.36
N ASN A 635 -3.87 19.57 -16.12
CA ASN A 635 -3.55 20.93 -16.53
C ASN A 635 -3.32 21.06 -18.04
N CYS A 636 -4.09 20.34 -18.85
CA CYS A 636 -3.93 20.42 -20.30
C CYS A 636 -4.78 21.58 -20.83
N GLY A 637 -5.15 22.46 -19.92
CA GLY A 637 -5.92 23.66 -20.23
C GLY A 637 -5.45 24.79 -19.31
N VAL A 638 -4.13 25.03 -19.30
CA VAL A 638 -3.49 26.05 -18.44
C VAL A 638 -2.56 27.04 -19.15
N GLN A 639 -2.76 28.33 -18.87
CA GLN A 639 -1.95 29.38 -19.47
C GLN A 639 -0.45 29.16 -19.38
N ASP A 640 0.24 29.54 -20.45
CA ASP A 640 1.69 29.39 -20.54
C ASP A 640 2.38 30.28 -19.52
N SER A 641 1.59 30.81 -18.58
CA SER A 641 2.13 31.68 -17.54
C SER A 641 2.02 31.02 -16.18
N THR A 642 1.08 30.08 -16.07
CA THR A 642 0.87 29.34 -14.84
C THR A 642 2.01 28.35 -14.73
N GLN A 643 2.54 28.19 -13.53
CA GLN A 643 3.66 27.28 -13.32
C GLN A 643 3.31 26.18 -12.33
N ILE A 644 3.10 24.98 -12.85
CA ILE A 644 2.74 23.82 -12.04
C ILE A 644 3.93 23.00 -11.53
N HIS A 645 3.89 22.64 -10.24
CA HIS A 645 4.94 21.83 -9.62
C HIS A 645 4.32 20.50 -9.23
N THR A 646 5.11 19.42 -9.18
CA THR A 646 4.54 18.14 -8.77
C THR A 646 5.34 17.44 -7.68
N HIS A 647 4.72 16.45 -7.04
CA HIS A 647 5.37 15.73 -5.94
C HIS A 647 5.39 14.21 -6.02
N MSE A 648 6.55 13.62 -5.74
CA MSE A 648 6.74 12.17 -5.77
C MSE A 648 7.70 11.70 -4.67
O MSE A 648 8.90 12.01 -4.69
CB MSE A 648 7.27 11.75 -7.15
CG MSE A 648 6.35 12.17 -8.28
SE MSE A 648 7.28 12.60 -9.92
CE MSE A 648 8.69 13.73 -9.21
N CYS A 649 7.16 10.94 -3.73
CA CYS A 649 7.90 10.44 -2.59
C CYS A 649 8.84 9.27 -2.83
N TYR A 650 9.78 9.44 -3.76
CA TYR A 650 10.73 8.37 -4.05
C TYR A 650 12.12 8.96 -4.04
N SER A 651 13.08 8.19 -3.54
CA SER A 651 14.46 8.63 -3.47
C SER A 651 15.23 8.22 -4.72
N HIS A 652 15.02 6.97 -5.15
CA HIS A 652 15.69 6.42 -6.33
C HIS A 652 14.79 5.85 -7.42
N PHE A 653 14.02 6.74 -8.04
CA PHE A 653 13.12 6.38 -9.13
C PHE A 653 13.87 6.33 -10.47
N ASN A 654 15.17 6.04 -10.39
CA ASN A 654 16.01 5.94 -11.57
C ASN A 654 15.38 5.14 -12.72
N ASP A 655 14.68 4.06 -12.39
CA ASP A 655 14.06 3.20 -13.39
C ASP A 655 12.66 3.65 -13.81
N ILE A 656 12.33 4.89 -13.51
CA ILE A 656 11.02 5.43 -13.85
C ILE A 656 11.20 6.92 -14.07
N ILE A 657 12.24 7.25 -14.83
CA ILE A 657 12.56 8.63 -15.15
C ILE A 657 11.73 9.12 -16.31
N HIS A 658 11.58 8.23 -17.28
CA HIS A 658 10.81 8.52 -18.49
C HIS A 658 9.43 9.05 -18.11
N SER A 659 8.56 8.17 -17.63
CA SER A 659 7.22 8.56 -17.21
C SER A 659 7.26 9.89 -16.47
N ILE A 660 8.31 10.08 -15.68
CA ILE A 660 8.48 11.30 -14.91
C ILE A 660 8.76 12.48 -15.84
N ILE A 661 9.40 12.18 -16.96
CA ILE A 661 9.71 13.20 -17.95
C ILE A 661 8.51 13.40 -18.88
N ASP A 662 7.64 12.39 -18.94
CA ASP A 662 6.43 12.43 -19.79
C ASP A 662 5.25 13.15 -19.13
N MSE A 663 5.34 13.36 -17.81
CA MSE A 663 4.28 14.03 -17.09
C MSE A 663 4.23 15.49 -17.54
O MSE A 663 3.19 16.15 -17.48
CB MSE A 663 4.52 13.95 -15.57
CG MSE A 663 4.59 12.52 -15.00
SE MSE A 663 4.70 12.33 -13.03
CE MSE A 663 2.82 12.40 -12.63
N ASP A 664 5.37 15.98 -18.03
CA ASP A 664 5.57 17.36 -18.50
C ASP A 664 5.19 18.42 -17.46
N ALA A 665 6.11 18.69 -16.55
CA ALA A 665 5.91 19.67 -15.50
C ALA A 665 6.97 20.76 -15.58
N ASP A 666 6.63 21.94 -15.09
CA ASP A 666 7.55 23.07 -15.10
C ASP A 666 8.51 22.97 -13.92
N VAL A 667 8.03 22.43 -12.81
CA VAL A 667 8.82 22.23 -11.59
C VAL A 667 8.20 21.09 -10.76
N ILE A 668 9.03 20.43 -9.96
CA ILE A 668 8.56 19.31 -9.16
C ILE A 668 9.23 19.20 -7.79
N THR A 669 9.21 17.98 -7.24
CA THR A 669 9.81 17.71 -5.95
C THR A 669 9.81 16.20 -5.79
N ILE A 670 10.61 15.69 -4.86
CA ILE A 670 10.71 14.25 -4.65
C ILE A 670 11.22 13.98 -3.24
N GLU A 671 11.29 12.71 -2.85
CA GLU A 671 11.78 12.38 -1.51
C GLU A 671 13.31 12.23 -1.46
N ASN A 672 14.02 13.15 -2.13
CA ASN A 672 15.48 13.19 -2.19
C ASN A 672 15.98 13.43 -0.74
N SER A 673 17.17 14.01 -0.59
CA SER A 673 17.75 14.33 0.72
C SER A 673 18.65 13.31 1.42
N ARG A 674 18.36 12.02 1.24
CA ARG A 674 19.16 10.99 1.91
C ARG A 674 19.79 9.99 0.95
N SER A 675 19.74 10.28 -0.35
CA SER A 675 20.33 9.39 -1.36
C SER A 675 21.59 9.94 -2.04
N ASP A 676 21.70 9.80 -3.35
CA ASP A 676 22.89 10.25 -4.08
C ASP A 676 22.79 11.55 -4.87
N GLU A 677 23.88 12.30 -4.87
CA GLU A 677 23.98 13.58 -5.56
C GLU A 677 24.68 13.41 -6.89
N LYS A 678 25.31 12.24 -7.06
CA LYS A 678 26.02 11.91 -8.29
C LYS A 678 25.08 11.10 -9.18
N LEU A 679 24.18 10.37 -8.54
CA LEU A 679 23.21 9.58 -9.28
C LEU A 679 22.17 10.52 -9.85
N LEU A 680 22.32 11.81 -9.53
CA LEU A 680 21.41 12.81 -10.03
C LEU A 680 21.75 13.06 -11.49
N SER A 681 22.95 12.65 -11.88
CA SER A 681 23.37 12.83 -13.27
C SER A 681 22.61 11.83 -14.15
N VAL A 682 21.45 11.38 -13.67
CA VAL A 682 20.60 10.45 -14.41
C VAL A 682 19.53 11.25 -15.15
N PHE A 683 19.55 12.56 -14.94
CA PHE A 683 18.60 13.46 -15.58
C PHE A 683 19.29 14.16 -16.73
N ARG A 684 20.03 13.41 -17.54
CA ARG A 684 20.72 14.02 -18.65
C ARG A 684 21.26 13.03 -19.67
N GLU A 685 22.20 12.18 -19.23
CA GLU A 685 22.78 11.18 -20.11
C GLU A 685 21.63 10.35 -20.66
N GLY A 686 21.24 10.62 -21.90
CA GLY A 686 20.14 9.90 -22.50
C GLY A 686 18.82 10.45 -22.00
N VAL A 687 18.87 11.68 -21.50
CA VAL A 687 17.69 12.35 -20.96
C VAL A 687 17.70 13.85 -21.31
N LYS A 688 18.09 14.69 -20.36
CA LYS A 688 18.13 16.15 -20.53
C LYS A 688 16.75 16.78 -20.26
N TYR A 689 16.26 16.62 -19.03
CA TYR A 689 14.94 17.11 -18.58
C TYR A 689 14.50 18.50 -19.00
N GLY A 690 15.44 19.41 -19.22
CA GLY A 690 15.06 20.76 -19.62
C GLY A 690 13.83 21.26 -18.87
N ALA A 691 14.01 21.63 -17.61
CA ALA A 691 12.93 22.14 -16.77
C ALA A 691 13.41 22.37 -15.33
N GLY A 692 12.48 22.36 -14.38
CA GLY A 692 12.83 22.60 -13.00
C GLY A 692 12.60 21.42 -12.07
N ILE A 693 13.51 21.26 -11.11
CA ILE A 693 13.42 20.16 -10.18
C ILE A 693 13.85 20.59 -8.79
N GLY A 694 13.06 20.21 -7.79
CA GLY A 694 13.39 20.57 -6.43
C GLY A 694 13.65 19.40 -5.51
N PRO A 695 14.80 18.71 -5.65
CA PRO A 695 15.14 17.58 -4.80
C PRO A 695 15.30 18.06 -3.36
N GLY A 696 14.36 17.66 -2.50
CA GLY A 696 14.38 18.08 -1.11
C GLY A 696 15.67 18.00 -0.36
N VAL A 697 16.53 19.01 -0.49
CA VAL A 697 17.81 19.04 0.21
C VAL A 697 17.60 19.37 1.69
N TYR A 698 17.26 18.32 2.45
CA TYR A 698 16.99 18.34 3.90
C TYR A 698 15.78 17.42 4.12
N ASP A 699 16.01 16.29 4.79
CA ASP A 699 14.96 15.30 5.05
C ASP A 699 14.03 15.67 6.21
N ILE A 700 12.82 16.11 5.88
CA ILE A 700 11.81 16.52 6.85
C ILE A 700 11.45 15.45 7.88
N HIS A 701 11.42 14.19 7.43
CA HIS A 701 11.07 13.07 8.29
C HIS A 701 11.93 12.98 9.56
N SER A 702 12.93 13.85 9.67
CA SER A 702 13.83 13.86 10.82
C SER A 702 13.67 15.09 11.73
N PRO A 703 13.34 14.87 13.01
CA PRO A 703 13.18 15.99 13.94
C PRO A 703 14.48 16.78 14.13
N ARG A 704 15.61 16.11 13.83
CA ARG A 704 16.94 16.71 13.97
C ARG A 704 17.28 17.63 12.82
N ILE A 705 17.43 18.91 13.15
CA ILE A 705 17.76 19.94 12.19
C ILE A 705 19.15 19.74 11.61
N PRO A 706 19.35 20.05 10.32
CA PRO A 706 20.66 19.89 9.68
C PRO A 706 21.45 21.21 9.73
N SER A 707 22.77 21.13 9.68
CA SER A 707 23.61 22.33 9.72
C SER A 707 23.42 23.12 8.43
N SER A 708 23.38 24.45 8.52
CA SER A 708 23.21 25.29 7.32
C SER A 708 24.47 25.13 6.47
N GLU A 709 25.46 24.47 7.06
CA GLU A 709 26.74 24.21 6.40
C GLU A 709 26.71 22.86 5.69
N GLU A 710 25.58 22.17 5.76
CA GLU A 710 25.40 20.86 5.13
C GLU A 710 24.50 20.98 3.87
N ILE A 711 23.79 22.11 3.77
CA ILE A 711 22.88 22.39 2.65
C ILE A 711 23.52 23.15 1.48
N ALA A 712 24.49 24.02 1.79
CA ALA A 712 25.22 24.79 0.78
C ALA A 712 25.88 23.83 -0.18
N ASP A 713 26.59 22.86 0.40
CA ASP A 713 27.28 21.84 -0.39
C ASP A 713 26.28 20.88 -1.00
N ARG A 714 25.30 20.44 -0.20
CA ARG A 714 24.27 19.52 -0.69
C ARG A 714 23.76 20.07 -2.01
N VAL A 715 23.50 21.38 -2.03
CA VAL A 715 23.02 22.07 -3.21
C VAL A 715 24.16 22.31 -4.21
N ASN A 716 25.37 22.54 -3.69
CA ASN A 716 26.54 22.78 -4.52
C ASN A 716 26.94 21.50 -5.27
N LYS A 717 26.35 20.38 -4.85
CA LYS A 717 26.58 19.07 -5.48
C LYS A 717 25.45 18.87 -6.49
N MSE A 718 24.51 19.82 -6.50
CA MSE A 718 23.39 19.81 -7.41
C MSE A 718 23.70 20.78 -8.53
O MSE A 718 23.31 20.58 -9.67
CB MSE A 718 22.10 20.24 -6.69
CG MSE A 718 21.39 19.09 -5.99
SE MSE A 718 19.79 19.65 -5.06
CE MSE A 718 18.74 20.25 -6.56
N LEU A 719 24.44 21.84 -8.19
CA LEU A 719 24.85 22.84 -9.18
C LEU A 719 25.76 22.16 -10.20
N ALA A 720 26.30 21.00 -9.81
CA ALA A 720 27.20 20.22 -10.64
C ALA A 720 26.48 19.23 -11.54
N VAL A 721 25.88 18.20 -10.93
CA VAL A 721 25.15 17.16 -11.65
C VAL A 721 23.87 17.70 -12.30
N LEU A 722 23.41 18.85 -11.83
CA LEU A 722 22.20 19.48 -12.36
C LEU A 722 22.52 20.83 -13.00
N GLU A 723 21.54 21.73 -13.05
CA GLU A 723 21.76 23.06 -13.63
C GLU A 723 21.46 24.19 -12.63
N GLN A 724 21.89 25.40 -12.95
CA GLN A 724 21.67 26.55 -12.10
C GLN A 724 20.67 27.52 -12.75
N ASN A 725 20.50 27.38 -14.07
CA ASN A 725 19.55 28.21 -14.81
C ASN A 725 18.20 27.48 -14.81
N ILE A 726 18.01 26.67 -13.76
CA ILE A 726 16.82 25.86 -13.52
C ILE A 726 17.05 25.04 -12.25
N LEU A 727 16.75 25.64 -11.10
CA LEU A 727 16.96 24.96 -9.82
C LEU A 727 15.93 25.43 -8.76
N TRP A 728 15.69 24.59 -7.75
CA TRP A 728 14.73 24.91 -6.69
C TRP A 728 15.18 24.51 -5.29
N VAL A 729 14.64 25.21 -4.29
CA VAL A 729 14.99 24.97 -2.90
C VAL A 729 13.82 24.45 -2.09
N ASN A 730 13.94 23.25 -1.52
CA ASN A 730 12.85 22.72 -0.72
C ASN A 730 13.21 21.52 0.14
N PRO A 731 12.26 21.06 0.98
CA PRO A 731 12.36 19.92 1.91
C PRO A 731 12.25 18.54 1.27
N ASP A 732 12.45 17.49 2.06
CA ASP A 732 12.34 16.14 1.54
C ASP A 732 10.86 15.88 1.23
N CYS A 733 10.08 15.61 2.27
CA CYS A 733 8.65 15.38 2.12
C CYS A 733 7.93 16.52 2.81
N GLY A 734 6.66 16.30 3.15
CA GLY A 734 5.86 17.33 3.82
C GLY A 734 6.36 17.67 5.21
N LEU A 735 5.60 18.46 5.95
CA LEU A 735 5.99 18.85 7.31
C LEU A 735 4.83 18.79 8.32
N LYS A 736 4.18 17.62 8.38
CA LYS A 736 3.05 17.43 9.29
C LYS A 736 3.36 16.47 10.45
N THR A 737 4.62 16.47 10.91
CA THR A 737 5.05 15.62 12.03
C THR A 737 6.12 16.32 12.87
N ARG A 738 7.07 16.97 12.18
CA ARG A 738 8.15 17.70 12.84
C ARG A 738 7.51 18.57 13.94
N LYS A 739 8.21 18.80 15.05
CA LYS A 739 7.61 19.61 16.11
C LYS A 739 7.58 21.09 15.75
N TYR A 740 8.02 21.96 16.68
CA TYR A 740 7.98 23.38 16.40
C TYR A 740 9.22 24.21 16.72
N THR A 741 10.01 23.79 17.69
CA THR A 741 11.23 24.51 18.04
C THR A 741 12.37 23.90 17.22
N GLU A 742 12.04 22.80 16.56
CA GLU A 742 12.98 22.04 15.74
C GLU A 742 12.64 22.31 14.28
N VAL A 743 11.68 23.19 14.06
CA VAL A 743 11.26 23.54 12.71
C VAL A 743 11.54 25.02 12.42
N LYS A 744 11.67 25.82 13.48
CA LYS A 744 11.93 27.24 13.32
C LYS A 744 13.42 27.52 13.16
N PRO A 745 14.22 27.14 14.16
CA PRO A 745 15.66 27.40 14.00
C PRO A 745 16.18 26.60 12.81
N ALA A 746 15.28 25.88 12.15
CA ALA A 746 15.59 25.04 11.00
C ALA A 746 15.57 25.74 9.64
N LEU A 747 14.40 25.81 8.99
CA LEU A 747 14.29 26.44 7.67
C LEU A 747 15.01 27.79 7.61
N LYS A 748 15.19 28.40 8.78
CA LYS A 748 15.87 29.68 8.92
C LYS A 748 17.30 29.52 8.43
N ASN A 749 17.53 28.41 7.72
CA ASN A 749 18.82 28.06 7.17
C ASN A 749 18.66 27.28 5.85
N MSE A 750 17.95 27.86 4.89
CA MSE A 750 17.76 27.20 3.60
C MSE A 750 18.05 28.08 2.37
O MSE A 750 18.68 27.63 1.41
CB MSE A 750 16.35 26.61 3.48
CG MSE A 750 16.18 25.63 2.30
SE MSE A 750 14.51 24.62 2.18
CE MSE A 750 13.40 26.01 1.40
N VAL A 751 17.60 29.33 2.39
CA VAL A 751 17.83 30.25 1.28
C VAL A 751 19.26 30.77 1.49
N ASP A 752 19.63 30.77 2.75
CA ASP A 752 20.93 31.20 3.21
C ASP A 752 22.04 30.58 2.40
N ALA A 753 22.12 29.26 2.43
CA ALA A 753 23.14 28.53 1.68
C ALA A 753 23.01 28.71 0.17
N ALA A 754 21.99 29.45 -0.24
CA ALA A 754 21.74 29.71 -1.66
C ALA A 754 22.21 31.13 -1.98
N LYS A 755 21.62 32.10 -1.28
CA LYS A 755 21.97 33.50 -1.48
C LYS A 755 23.46 33.60 -1.80
N LEU A 756 24.24 32.79 -1.08
CA LEU A 756 25.69 32.74 -1.26
C LEU A 756 26.11 32.74 -2.71
N ILE A 757 26.51 31.56 -3.19
CA ILE A 757 26.97 31.31 -4.55
C ILE A 757 26.51 32.34 -5.59
N ARG A 758 25.33 32.93 -5.37
CA ARG A 758 24.77 33.94 -6.26
C ARG A 758 25.72 35.11 -6.42
N SER A 759 26.56 35.32 -5.41
CA SER A 759 27.53 36.40 -5.35
C SER A 759 28.29 36.69 -6.65
N GLN A 760 28.64 35.63 -7.38
CA GLN A 760 29.38 35.80 -8.61
C GLN A 760 28.47 36.22 -9.77
ZN ZN B . 5.92 14.26 0.84
ZN ZN C . 7.02 8.61 -23.31
S SO4 D . 23.74 -5.08 12.79
O1 SO4 D . 22.56 -5.57 13.50
O2 SO4 D . 24.93 -5.39 13.60
O3 SO4 D . 23.86 -5.74 11.48
O4 SO4 D . 23.63 -3.62 12.58
S SO4 E . 12.56 4.13 -3.98
O1 SO4 E . 11.18 3.94 -3.50
O2 SO4 E . 13.39 4.64 -2.88
O3 SO4 E . 13.10 2.85 -4.46
O4 SO4 E . 12.54 5.10 -5.10
S SO4 F . -9.54 -29.89 9.26
O1 SO4 F . -9.63 -31.08 10.14
O2 SO4 F . -8.30 -29.15 9.58
O3 SO4 F . -9.52 -30.32 7.86
O4 SO4 F . -10.71 -29.02 9.49
S SO4 G . -8.19 -2.93 -14.37
O1 SO4 G . -9.18 -2.72 -13.30
O2 SO4 G . -6.88 -3.27 -13.79
O3 SO4 G . -8.65 -4.03 -15.25
O4 SO4 G . -8.06 -1.70 -15.19
#